data_8AVQ
#
_entry.id   8AVQ
#
_cell.length_a   129.285
_cell.length_b   130.427
_cell.length_c   87.143
_cell.angle_alpha   90.000
_cell.angle_beta   118.010
_cell.angle_gamma   90.000
#
_symmetry.space_group_name_H-M   'C 1 2 1'
#
loop_
_entity.id
_entity.type
_entity.pdbx_description
1 polymer AO75L
2 non-polymer BICINE
3 non-polymer 1,2-ETHANEDIOL
4 non-polymer "URIDINE-5'-DIPHOSPHATE-XYLOPYRANOSE"
5 non-polymer 'CALCIUM ION'
6 non-polymer 'MAGNESIUM ION'
7 non-polymer GLYCEROL
8 water water
#
_entity_poly.entity_id   1
_entity_poly.type   'polypeptide(L)'
_entity_poly.pdbx_seq_one_letter_code
;LGS(MSE)KLAELTLESDDFITSDKLFNFCKSTIFGAKYVKTDFIKFRQYQYIVSNCGWRDDTDVVFLENTPVLVTGHSD
YDISEREIDIIRLPNIRAWFCQNRNIPHPKVISFPLGITNKDEPNSEIHRIIGNTDRILEVSKTPKEIKNLVY(MSE)NI
TVKNFPEERQRIVDLYSDKSWVTIGKGEVSEEGHRKFLED(MSE)YAHKFCFAPRGNGIDTHRLWESLYLRTIPIVKKHI
A(MSE)EQFTDLPILFVNDWENITEEYLNEQYDII(MSE)AKDWNLDKLKIDYWYQKILEYSQ
;
_entity_poly.pdbx_strand_id   A,B,C,D
#
# COMPACT_ATOMS: atom_id res chain seq x y z
N LEU A 1 33.20 4.27 -4.58
CA LEU A 1 34.09 5.23 -5.31
C LEU A 1 33.25 6.41 -5.79
N GLY A 2 32.16 6.15 -6.52
CA GLY A 2 31.30 7.17 -7.15
C GLY A 2 30.07 7.50 -6.32
N SER A 3 30.18 7.45 -4.98
CA SER A 3 29.12 7.84 -4.02
C SER A 3 28.80 9.33 -4.17
N LYS A 5 25.75 12.79 -2.91
CA LYS A 5 24.76 13.33 -1.98
C LYS A 5 23.35 13.01 -2.50
N LEU A 6 22.39 12.87 -1.59
CA LEU A 6 21.00 12.48 -1.93
C LEU A 6 20.42 13.48 -2.95
N ALA A 7 20.69 14.78 -2.78
CA ALA A 7 20.16 15.87 -3.62
C ALA A 7 20.73 15.80 -5.05
N GLU A 8 21.83 15.08 -5.26
CA GLU A 8 22.50 14.93 -6.58
C GLU A 8 21.97 13.69 -7.33
N LEU A 9 20.99 12.96 -6.78
CA LEU A 9 20.43 11.74 -7.41
C LEU A 9 19.77 12.11 -8.74
N THR A 10 20.13 11.41 -9.82
CA THR A 10 19.48 11.50 -11.15
C THR A 10 19.03 10.09 -11.55
N LEU A 11 17.85 9.97 -12.16
CA LEU A 11 17.21 8.68 -12.52
C LEU A 11 16.89 8.65 -14.03
N GLU A 12 17.12 7.51 -14.66
CA GLU A 12 16.53 7.16 -15.98
C GLU A 12 15.37 6.19 -15.75
N SER A 13 14.52 6.00 -16.76
CA SER A 13 13.22 5.28 -16.66
C SER A 13 13.41 3.82 -16.25
N ASP A 14 14.57 3.20 -16.54
CA ASP A 14 14.79 1.75 -16.24
C ASP A 14 15.58 1.55 -14.94
N ASP A 15 15.94 2.61 -14.22
CA ASP A 15 16.78 2.53 -12.99
C ASP A 15 16.00 1.82 -11.86
N PHE A 16 14.68 2.02 -11.82
CA PHE A 16 13.81 1.67 -10.67
C PHE A 16 13.89 0.16 -10.37
N ILE A 17 14.13 -0.17 -9.11
CA ILE A 17 14.11 -1.58 -8.62
C ILE A 17 12.65 -2.01 -8.46
N THR A 18 12.31 -3.16 -9.04
CA THR A 18 11.08 -3.94 -8.76
C THR A 18 11.48 -5.42 -8.69
N SER A 19 10.71 -6.24 -7.98
CA SER A 19 10.96 -7.69 -7.86
C SER A 19 10.76 -8.39 -9.22
N ASP A 20 9.87 -7.85 -10.06
N ASP A 20 9.88 -7.85 -10.07
CA ASP A 20 9.59 -8.37 -11.42
CA ASP A 20 9.59 -8.38 -11.42
C ASP A 20 10.85 -8.31 -12.29
C ASP A 20 10.84 -8.30 -12.30
N LYS A 21 11.63 -7.23 -12.15
CA LYS A 21 12.88 -7.01 -12.94
C LYS A 21 13.91 -8.10 -12.57
N LEU A 22 14.04 -8.41 -11.28
CA LEU A 22 14.97 -9.47 -10.80
C LEU A 22 14.46 -10.85 -11.22
N PHE A 23 13.16 -11.13 -11.05
CA PHE A 23 12.52 -12.39 -11.50
C PHE A 23 12.77 -12.54 -13.01
N ASN A 24 12.46 -11.48 -13.76
CA ASN A 24 12.63 -11.42 -15.24
C ASN A 24 14.10 -11.68 -15.57
N PHE A 25 15.03 -10.97 -14.92
CA PHE A 25 16.49 -11.14 -15.10
C PHE A 25 16.87 -12.62 -14.95
N CYS A 26 16.33 -13.30 -13.94
CA CYS A 26 16.70 -14.70 -13.57
C CYS A 26 16.06 -15.71 -14.52
N LYS A 27 15.05 -15.32 -15.31
CA LYS A 27 14.38 -16.22 -16.30
C LYS A 27 15.40 -16.74 -17.31
N SER A 28 16.41 -15.93 -17.65
CA SER A 28 17.54 -16.30 -18.55
C SER A 28 18.53 -17.16 -17.77
N THR A 29 18.40 -18.49 -17.88
CA THR A 29 19.14 -19.52 -17.09
C THR A 29 20.65 -19.38 -17.34
N ILE A 30 21.05 -18.68 -18.40
CA ILE A 30 22.47 -18.29 -18.69
C ILE A 30 23.12 -17.70 -17.43
N PHE A 31 22.37 -16.92 -16.64
CA PHE A 31 22.90 -16.14 -15.47
C PHE A 31 22.92 -16.98 -14.19
N GLY A 32 22.39 -18.21 -14.22
CA GLY A 32 22.59 -19.24 -13.19
C GLY A 32 21.99 -18.87 -11.84
N ALA A 33 20.87 -18.14 -11.83
CA ALA A 33 20.11 -17.77 -10.61
C ALA A 33 18.67 -18.30 -10.75
N LYS A 34 18.13 -18.91 -9.69
CA LYS A 34 16.73 -19.39 -9.64
C LYS A 34 15.91 -18.49 -8.71
N TYR A 35 14.80 -17.95 -9.22
CA TYR A 35 13.85 -17.08 -8.47
C TYR A 35 12.66 -17.93 -7.99
N VAL A 36 12.46 -17.99 -6.67
CA VAL A 36 11.35 -18.73 -6.01
C VAL A 36 10.55 -17.75 -5.15
N LYS A 37 9.23 -17.67 -5.36
CA LYS A 37 8.30 -16.92 -4.48
C LYS A 37 8.40 -17.52 -3.08
N THR A 38 8.58 -16.68 -2.05
CA THR A 38 8.96 -17.11 -0.67
C THR A 38 7.95 -18.10 -0.09
N ASP A 39 6.66 -18.01 -0.44
CA ASP A 39 5.61 -18.94 0.07
C ASP A 39 6.06 -20.39 -0.12
N PHE A 40 6.70 -20.70 -1.25
CA PHE A 40 7.11 -22.08 -1.65
C PHE A 40 8.35 -22.52 -0.88
N ILE A 41 9.04 -21.59 -0.21
CA ILE A 41 10.11 -21.89 0.78
C ILE A 41 9.47 -22.19 2.14
N LYS A 42 8.55 -21.33 2.60
CA LYS A 42 7.95 -21.41 3.96
C LYS A 42 7.12 -22.69 4.10
N PHE A 43 6.34 -23.04 3.06
CA PHE A 43 5.40 -24.20 3.09
C PHE A 43 5.93 -25.32 2.19
N ARG A 44 7.26 -25.44 2.07
CA ARG A 44 7.92 -26.57 1.35
C ARG A 44 7.46 -27.88 1.99
N GLN A 45 7.17 -28.88 1.15
CA GLN A 45 6.72 -30.23 1.60
C GLN A 45 7.90 -31.20 1.51
N TYR A 46 9.05 -30.72 1.03
CA TYR A 46 10.36 -31.41 1.04
C TYR A 46 11.41 -30.45 1.60
N GLN A 47 12.40 -30.99 2.32
CA GLN A 47 13.46 -30.18 2.97
C GLN A 47 14.18 -29.33 1.92
N TYR A 48 14.54 -29.91 0.78
CA TYR A 48 15.47 -29.32 -0.22
C TYR A 48 14.86 -29.34 -1.64
N ILE A 49 13.56 -29.60 -1.78
CA ILE A 49 12.85 -29.60 -3.10
C ILE A 49 11.68 -28.63 -3.01
N VAL A 50 11.63 -27.65 -3.93
CA VAL A 50 10.57 -26.61 -3.96
C VAL A 50 10.21 -26.34 -5.43
N SER A 51 9.08 -25.67 -5.64
CA SER A 51 8.57 -25.29 -6.98
C SER A 51 7.69 -24.05 -6.85
N ASN A 52 7.70 -23.19 -7.87
CA ASN A 52 6.78 -22.03 -7.98
C ASN A 52 5.37 -22.52 -8.30
N CYS A 53 5.22 -23.82 -8.64
CA CYS A 53 3.92 -24.54 -8.75
C CYS A 53 2.96 -23.77 -9.67
N GLY A 54 3.49 -23.17 -10.74
CA GLY A 54 2.70 -22.48 -11.77
C GLY A 54 2.57 -20.99 -11.51
N TRP A 55 3.16 -20.47 -10.43
CA TRP A 55 3.33 -19.00 -10.23
C TRP A 55 4.17 -18.46 -11.38
N ARG A 56 3.72 -17.39 -12.03
CA ARG A 56 4.36 -16.78 -13.23
C ARG A 56 4.51 -17.86 -14.32
N ASP A 57 3.65 -18.87 -14.31
CA ASP A 57 3.64 -20.03 -15.26
C ASP A 57 4.93 -20.87 -15.12
N ASP A 58 5.59 -20.82 -13.96
CA ASP A 58 6.84 -21.59 -13.68
C ASP A 58 6.48 -22.83 -12.85
N THR A 59 6.56 -24.03 -13.46
CA THR A 59 6.24 -25.33 -12.84
C THR A 59 7.50 -26.18 -12.67
N ASP A 60 8.68 -25.62 -12.97
CA ASP A 60 9.98 -26.30 -12.75
C ASP A 60 10.05 -26.72 -11.29
N VAL A 61 10.51 -27.95 -11.03
CA VAL A 61 10.89 -28.43 -9.67
C VAL A 61 12.34 -28.00 -9.45
N VAL A 62 12.62 -27.32 -8.33
CA VAL A 62 13.97 -26.79 -8.00
C VAL A 62 14.60 -27.70 -6.95
N PHE A 63 15.78 -28.26 -7.26
CA PHE A 63 16.60 -29.08 -6.34
C PHE A 63 17.65 -28.15 -5.72
N LEU A 64 17.35 -27.64 -4.51
CA LEU A 64 18.14 -26.58 -3.84
C LEU A 64 19.58 -27.07 -3.58
N GLU A 65 19.77 -28.40 -3.54
CA GLU A 65 21.11 -29.03 -3.35
C GLU A 65 21.98 -28.79 -4.60
N ASN A 66 21.38 -28.48 -5.76
CA ASN A 66 22.10 -28.24 -7.04
C ASN A 66 21.89 -26.80 -7.52
N THR A 67 21.48 -25.88 -6.63
CA THR A 67 21.17 -24.46 -6.95
C THR A 67 22.29 -23.57 -6.40
N PRO A 68 23.13 -22.95 -7.25
CA PRO A 68 24.24 -22.11 -6.78
C PRO A 68 23.80 -20.73 -6.27
N VAL A 69 22.81 -20.11 -6.91
CA VAL A 69 22.23 -18.79 -6.51
C VAL A 69 20.70 -18.92 -6.40
N LEU A 70 20.16 -18.69 -5.19
CA LEU A 70 18.71 -18.61 -4.89
C LEU A 70 18.32 -17.14 -4.67
N VAL A 71 17.19 -16.72 -5.24
CA VAL A 71 16.58 -15.36 -5.08
C VAL A 71 15.11 -15.55 -4.69
N THR A 72 14.66 -14.95 -3.59
CA THR A 72 13.25 -15.05 -3.12
C THR A 72 12.65 -13.66 -2.94
N GLY A 73 11.36 -13.52 -3.22
CA GLY A 73 10.60 -12.27 -3.10
C GLY A 73 9.15 -12.45 -3.50
N HIS A 74 8.46 -11.36 -3.84
CA HIS A 74 7.01 -11.31 -4.15
C HIS A 74 6.21 -11.87 -2.97
N SER A 75 6.63 -11.58 -1.74
CA SER A 75 5.99 -12.09 -0.50
C SER A 75 6.39 -11.23 0.70
N ASP A 76 5.48 -11.06 1.65
CA ASP A 76 5.69 -10.37 2.94
C ASP A 76 6.50 -11.28 3.88
N TYR A 77 6.71 -12.55 3.51
CA TYR A 77 7.41 -13.53 4.37
C TYR A 77 8.89 -13.17 4.43
N ASP A 78 9.55 -13.54 5.53
CA ASP A 78 10.98 -13.28 5.77
C ASP A 78 11.76 -14.59 5.64
N ILE A 79 13.08 -14.47 5.48
CA ILE A 79 14.07 -15.57 5.58
C ILE A 79 14.64 -15.52 7.01
N SER A 80 14.41 -16.58 7.80
CA SER A 80 14.71 -16.65 9.25
C SER A 80 15.43 -17.96 9.58
N GLU A 81 15.59 -18.25 10.88
CA GLU A 81 16.21 -19.49 11.42
C GLU A 81 15.51 -20.72 10.85
N ARG A 82 14.22 -20.62 10.50
CA ARG A 82 13.41 -21.74 9.95
CA ARG A 82 13.40 -21.73 9.93
C ARG A 82 14.02 -22.25 8.63
N GLU A 83 14.80 -21.41 7.95
CA GLU A 83 15.43 -21.74 6.64
C GLU A 83 16.93 -22.05 6.79
N ILE A 84 17.43 -22.26 8.02
CA ILE A 84 18.88 -22.46 8.28
C ILE A 84 19.37 -23.71 7.53
N ASP A 85 18.53 -24.75 7.46
CA ASP A 85 18.88 -26.04 6.79
C ASP A 85 19.19 -25.78 5.31
N ILE A 86 18.44 -24.92 4.64
CA ILE A 86 18.67 -24.56 3.20
C ILE A 86 19.94 -23.69 3.09
N ILE A 87 20.11 -22.72 4.00
CA ILE A 87 21.26 -21.77 3.97
C ILE A 87 22.57 -22.57 4.11
N ARG A 88 22.56 -23.63 4.92
CA ARG A 88 23.75 -24.48 5.23
C ARG A 88 24.11 -25.41 4.06
N LEU A 89 23.35 -25.42 2.96
CA LEU A 89 23.68 -26.20 1.75
C LEU A 89 25.01 -25.68 1.18
N PRO A 90 26.09 -26.49 1.21
CA PRO A 90 27.42 -26.03 0.78
C PRO A 90 27.45 -25.52 -0.68
N ASN A 91 26.54 -26.03 -1.51
CA ASN A 91 26.42 -25.71 -2.96
C ASN A 91 25.87 -24.30 -3.18
N ILE A 92 25.09 -23.76 -2.25
CA ILE A 92 24.47 -22.40 -2.38
C ILE A 92 25.53 -21.36 -2.06
N ARG A 93 25.92 -20.56 -3.07
CA ARG A 93 26.97 -19.53 -2.96
C ARG A 93 26.37 -18.24 -2.36
N ALA A 94 25.10 -17.97 -2.63
CA ALA A 94 24.39 -16.76 -2.15
C ALA A 94 22.88 -16.96 -2.19
N TRP A 95 22.17 -16.33 -1.25
CA TRP A 95 20.69 -16.27 -1.19
C TRP A 95 20.28 -14.79 -1.18
N PHE A 96 19.91 -14.25 -2.34
CA PHE A 96 19.36 -12.87 -2.49
C PHE A 96 17.87 -12.91 -2.10
N CYS A 97 17.45 -12.07 -1.14
CA CYS A 97 16.07 -12.13 -0.59
C CYS A 97 15.55 -10.74 -0.20
N GLN A 98 14.24 -10.55 -0.32
CA GLN A 98 13.49 -9.51 0.42
C GLN A 98 13.33 -9.99 1.86
N ASN A 99 13.32 -9.06 2.83
CA ASN A 99 12.95 -9.34 4.24
C ASN A 99 13.92 -10.36 4.86
N ARG A 100 15.22 -10.06 4.79
CA ARG A 100 16.30 -10.83 5.49
C ARG A 100 16.05 -10.72 7.01
N ASN A 101 15.85 -11.85 7.69
CA ASN A 101 15.53 -11.88 9.14
C ASN A 101 16.39 -12.95 9.83
N ILE A 102 17.65 -13.06 9.40
CA ILE A 102 18.70 -13.92 10.03
C ILE A 102 20.07 -13.30 9.73
N PRO A 103 20.93 -13.09 10.75
CA PRO A 103 22.27 -12.53 10.52
C PRO A 103 23.25 -13.58 9.97
N HIS A 104 23.09 -13.95 8.68
CA HIS A 104 23.94 -14.95 7.98
C HIS A 104 24.58 -14.33 6.74
N PRO A 105 25.92 -14.43 6.59
CA PRO A 105 26.62 -13.75 5.50
C PRO A 105 26.26 -14.25 4.09
N LYS A 106 25.71 -15.47 3.99
CA LYS A 106 25.27 -16.06 2.70
C LYS A 106 23.97 -15.38 2.24
N VAL A 107 23.16 -14.90 3.18
CA VAL A 107 21.83 -14.25 2.90
C VAL A 107 22.07 -12.77 2.63
N ILE A 108 21.81 -12.31 1.40
CA ILE A 108 22.04 -10.92 0.93
C ILE A 108 20.68 -10.26 0.70
N SER A 109 20.40 -9.15 1.42
CA SER A 109 19.18 -8.32 1.25
C SER A 109 19.19 -7.66 -0.12
N PHE A 110 18.04 -7.57 -0.78
CA PHE A 110 17.84 -6.65 -1.92
C PHE A 110 16.59 -5.82 -1.65
N PRO A 111 16.57 -4.54 -2.13
CA PRO A 111 15.46 -3.63 -1.88
C PRO A 111 14.14 -4.20 -2.40
N LEU A 112 13.05 -4.03 -1.66
CA LEU A 112 11.68 -4.34 -2.15
C LEU A 112 11.43 -3.47 -3.38
N GLY A 113 11.85 -2.21 -3.33
CA GLY A 113 11.68 -1.24 -4.43
C GLY A 113 10.21 -0.91 -4.63
N ILE A 114 9.84 -0.67 -5.89
CA ILE A 114 8.49 -0.18 -6.30
C ILE A 114 7.58 -1.38 -6.60
N THR A 115 6.28 -1.19 -6.40
CA THR A 115 5.20 -2.14 -6.78
C THR A 115 5.39 -2.57 -8.24
N ASN A 116 5.17 -3.87 -8.51
CA ASN A 116 5.26 -4.49 -9.86
C ASN A 116 4.02 -4.10 -10.66
N LYS A 117 4.15 -3.19 -11.63
CA LYS A 117 3.01 -2.65 -12.43
C LYS A 117 2.40 -3.75 -13.31
N ASP A 118 3.20 -4.75 -13.70
CA ASP A 118 2.82 -5.79 -14.69
C ASP A 118 2.08 -6.95 -14.02
N GLU A 119 1.94 -6.93 -12.69
CA GLU A 119 1.23 -7.98 -11.91
C GLU A 119 -0.09 -8.29 -12.61
N PRO A 120 -0.19 -9.43 -13.35
CA PRO A 120 -1.30 -9.65 -14.28
C PRO A 120 -2.68 -9.33 -13.72
N ASN A 121 -3.40 -8.42 -14.39
CA ASN A 121 -4.85 -8.16 -14.21
C ASN A 121 -5.12 -7.64 -12.78
N SER A 122 -4.44 -6.56 -12.39
CA SER A 122 -4.57 -5.91 -11.06
C SER A 122 -4.47 -4.39 -11.20
N GLU A 123 -5.59 -3.70 -10.99
CA GLU A 123 -5.74 -2.21 -11.06
C GLU A 123 -4.77 -1.54 -10.08
N ILE A 124 -4.81 -1.92 -8.79
CA ILE A 124 -3.94 -1.33 -7.73
C ILE A 124 -2.47 -1.36 -8.19
N HIS A 125 -2.01 -2.52 -8.68
CA HIS A 125 -0.61 -2.73 -9.15
C HIS A 125 -0.32 -1.81 -10.34
N ARG A 126 -1.27 -1.71 -11.27
CA ARG A 126 -1.16 -0.84 -12.47
C ARG A 126 -0.93 0.61 -12.02
N ILE A 127 -1.64 1.06 -10.98
CA ILE A 127 -1.61 2.47 -10.49
C ILE A 127 -0.29 2.72 -9.73
N ILE A 128 -0.12 2.10 -8.55
CA ILE A 128 0.99 2.45 -7.60
C ILE A 128 2.32 1.86 -8.11
N GLY A 129 2.29 1.06 -9.19
CA GLY A 129 3.50 0.53 -9.86
C GLY A 129 4.03 1.45 -10.95
N ASN A 130 3.37 2.59 -11.20
CA ASN A 130 3.75 3.56 -12.27
C ASN A 130 5.05 4.26 -11.86
N THR A 131 6.18 3.79 -12.37
CA THR A 131 7.54 4.38 -12.12
C THR A 131 7.70 5.66 -12.95
N ASP A 132 6.98 5.79 -14.07
CA ASP A 132 7.02 6.99 -14.96
C ASP A 132 6.56 8.22 -14.16
N ARG A 133 5.54 8.06 -13.30
CA ARG A 133 5.01 9.14 -12.43
C ARG A 133 6.06 9.51 -11.37
N ILE A 134 6.84 8.54 -10.87
CA ILE A 134 7.94 8.80 -9.89
C ILE A 134 9.02 9.63 -10.63
N LEU A 135 9.48 9.15 -11.78
CA LEU A 135 10.49 9.85 -12.62
C LEU A 135 10.02 11.27 -12.94
N GLU A 136 8.75 11.42 -13.37
CA GLU A 136 8.11 12.73 -13.68
C GLU A 136 8.27 13.70 -12.50
N VAL A 137 7.82 13.30 -11.30
CA VAL A 137 7.83 14.15 -10.07
C VAL A 137 9.29 14.51 -9.73
N SER A 138 10.21 13.55 -9.86
CA SER A 138 11.63 13.67 -9.43
C SER A 138 12.38 14.71 -10.28
N LYS A 139 11.79 15.18 -11.38
CA LYS A 139 12.43 16.16 -12.32
C LYS A 139 11.78 17.53 -12.18
N THR A 140 10.68 17.66 -11.42
CA THR A 140 10.05 18.98 -11.10
C THR A 140 10.91 19.69 -10.05
N PRO A 141 10.82 21.03 -9.92
CA PRO A 141 11.48 21.73 -8.83
C PRO A 141 11.01 21.20 -7.47
N LYS A 142 11.94 20.71 -6.65
CA LYS A 142 11.67 20.28 -5.26
C LYS A 142 11.49 21.53 -4.39
N GLU A 143 10.24 21.91 -4.11
CA GLU A 143 9.89 23.00 -3.17
C GLU A 143 9.34 22.39 -1.87
N ILE A 144 10.03 22.63 -0.76
CA ILE A 144 9.70 22.02 0.57
C ILE A 144 8.50 22.77 1.18
N LYS A 145 7.43 22.04 1.48
CA LYS A 145 6.22 22.57 2.18
C LYS A 145 6.37 22.36 3.69
N ASN A 146 7.03 21.30 4.14
CA ASN A 146 7.15 20.99 5.60
C ASN A 146 8.26 19.98 5.84
N LEU A 147 8.49 19.64 7.12
CA LEU A 147 9.62 18.81 7.58
C LEU A 147 9.34 17.34 7.29
N VAL A 148 8.21 16.79 7.74
CA VAL A 148 7.90 15.33 7.67
C VAL A 148 6.49 15.12 7.12
N TYR A 149 6.37 14.19 6.17
CA TYR A 149 5.10 13.72 5.56
C TYR A 149 4.63 12.44 6.25
N ASN A 151 1.65 9.55 5.85
CA ASN A 151 0.60 8.97 5.04
C ASN A 151 0.82 7.45 5.03
N ILE A 152 0.31 6.77 6.06
CA ILE A 152 0.52 5.33 6.32
C ILE A 152 -0.83 4.69 6.64
N THR A 153 -1.00 3.43 6.27
CA THR A 153 -2.16 2.58 6.68
C THR A 153 -1.79 1.94 8.01
N VAL A 154 -2.37 2.41 9.11
CA VAL A 154 -1.95 2.02 10.51
C VAL A 154 -2.19 0.52 10.70
N LYS A 155 -3.32 0.03 10.17
CA LYS A 155 -3.83 -1.35 10.34
C LYS A 155 -2.77 -2.39 9.95
N ASN A 156 -1.84 -2.05 9.04
CA ASN A 156 -0.86 -3.00 8.46
C ASN A 156 0.22 -3.40 9.49
N PHE A 157 0.62 -2.53 10.42
CA PHE A 157 1.51 -2.88 11.56
C PHE A 157 1.33 -1.87 12.70
N PRO A 158 0.19 -1.94 13.44
CA PRO A 158 -0.18 -0.90 14.39
C PRO A 158 0.76 -0.69 15.59
N GLU A 159 1.54 -1.70 16.01
CA GLU A 159 2.38 -1.56 17.22
C GLU A 159 3.38 -0.41 16.98
N GLU A 160 3.84 -0.24 15.73
CA GLU A 160 4.66 0.92 15.31
C GLU A 160 3.75 2.04 14.77
N ARG A 161 2.90 1.74 13.79
CA ARG A 161 2.20 2.77 12.99
C ARG A 161 1.20 3.56 13.85
N GLN A 162 0.59 2.94 14.87
CA GLN A 162 -0.40 3.63 15.74
C GLN A 162 0.32 4.68 16.59
N ARG A 163 1.53 4.37 17.07
CA ARG A 163 2.37 5.31 17.87
C ARG A 163 2.69 6.56 17.06
N ILE A 164 3.01 6.40 15.77
CA ILE A 164 3.38 7.50 14.83
C ILE A 164 2.18 8.45 14.68
N VAL A 165 1.00 7.91 14.42
CA VAL A 165 -0.23 8.71 14.18
C VAL A 165 -0.63 9.39 15.50
N ASP A 166 -0.58 8.68 16.62
CA ASP A 166 -0.99 9.20 17.95
C ASP A 166 -0.03 10.31 18.41
N LEU A 167 1.28 10.15 18.24
CA LEU A 167 2.30 11.09 18.78
C LEU A 167 2.42 12.36 17.91
N TYR A 168 2.33 12.23 16.58
CA TYR A 168 2.88 13.27 15.66
C TYR A 168 1.81 13.88 14.74
N SER A 169 0.56 13.42 14.78
CA SER A 169 -0.51 13.87 13.84
C SER A 169 -0.73 15.38 13.95
N ASP A 170 -0.63 15.95 15.16
CA ASP A 170 -1.03 17.34 15.48
C ASP A 170 0.18 18.30 15.46
N LYS A 171 1.34 17.87 14.97
CA LYS A 171 2.57 18.71 14.93
C LYS A 171 2.53 19.64 13.72
N SER A 172 2.88 20.91 13.93
CA SER A 172 2.98 21.96 12.87
C SER A 172 3.99 21.53 11.80
N TRP A 173 5.00 20.75 12.19
CA TRP A 173 6.11 20.32 11.29
C TRP A 173 5.77 18.97 10.63
N VAL A 174 4.56 18.46 10.82
CA VAL A 174 4.04 17.22 10.17
C VAL A 174 2.90 17.61 9.23
N THR A 175 2.92 17.08 8.00
CA THR A 175 1.81 17.13 7.02
C THR A 175 1.18 15.75 6.95
N ILE A 176 -0.12 15.64 7.25
CA ILE A 176 -0.89 14.39 7.08
C ILE A 176 -1.35 14.30 5.62
N GLY A 177 -1.25 13.11 5.03
CA GLY A 177 -1.90 12.76 3.75
C GLY A 177 -2.96 11.70 3.96
N LYS A 178 -4.17 11.93 3.45
CA LYS A 178 -5.25 10.91 3.40
C LYS A 178 -4.87 9.84 2.38
N GLY A 179 -5.07 8.57 2.72
CA GLY A 179 -4.84 7.42 1.82
C GLY A 179 -5.81 7.43 0.66
N GLU A 180 -5.29 7.55 -0.57
CA GLU A 180 -6.09 7.47 -1.83
C GLU A 180 -5.23 6.84 -2.93
N VAL A 181 -5.67 5.70 -3.48
CA VAL A 181 -4.89 4.82 -4.38
C VAL A 181 -5.48 4.86 -5.80
N SER A 182 -6.11 5.98 -6.17
CA SER A 182 -6.47 6.35 -7.57
C SER A 182 -5.21 6.84 -8.28
N GLU A 183 -5.27 7.01 -9.61
CA GLU A 183 -4.13 7.52 -10.42
C GLU A 183 -3.80 8.96 -9.99
N GLU A 184 -4.81 9.75 -9.61
CA GLU A 184 -4.62 11.14 -9.09
C GLU A 184 -4.11 11.08 -7.64
N GLY A 185 -4.67 10.18 -6.82
CA GLY A 185 -4.26 9.98 -5.41
C GLY A 185 -2.80 9.55 -5.30
N HIS A 186 -2.34 8.71 -6.23
CA HIS A 186 -0.94 8.22 -6.32
C HIS A 186 0.00 9.37 -6.71
N ARG A 187 -0.40 10.17 -7.71
CA ARG A 187 0.35 11.37 -8.15
C ARG A 187 0.46 12.35 -6.97
N LYS A 188 -0.65 12.59 -6.27
CA LYS A 188 -0.72 13.49 -5.09
C LYS A 188 0.25 12.99 -4.01
N PHE A 189 0.21 11.69 -3.72
CA PHE A 189 1.08 11.02 -2.72
C PHE A 189 2.55 11.33 -3.03
N LEU A 190 2.97 11.14 -4.28
CA LEU A 190 4.38 11.31 -4.74
C LEU A 190 4.78 12.79 -4.65
N GLU A 191 3.90 13.70 -5.07
CA GLU A 191 4.10 15.17 -5.06
C GLU A 191 4.22 15.66 -3.60
N ASP A 192 3.37 15.15 -2.71
CA ASP A 192 3.41 15.44 -1.25
C ASP A 192 4.75 14.99 -0.69
N TYR A 194 7.56 14.39 -2.23
CA TYR A 194 8.64 15.15 -2.86
C TYR A 194 8.81 16.50 -2.16
N ALA A 195 7.73 17.06 -1.62
CA ALA A 195 7.68 18.40 -0.99
C ALA A 195 8.02 18.32 0.50
N HIS A 196 8.54 17.20 1.00
CA HIS A 196 9.01 17.06 2.40
C HIS A 196 10.47 16.59 2.43
N LYS A 197 11.18 16.97 3.50
CA LYS A 197 12.59 16.58 3.78
C LYS A 197 12.61 15.12 4.23
N PHE A 198 11.62 14.72 5.02
CA PHE A 198 11.47 13.35 5.59
C PHE A 198 10.06 12.82 5.31
N CYS A 199 9.91 11.50 5.35
CA CYS A 199 8.58 10.86 5.55
C CYS A 199 8.72 9.72 6.57
N PHE A 200 7.65 9.47 7.32
CA PHE A 200 7.54 8.28 8.18
C PHE A 200 7.42 7.07 7.25
N ALA A 201 8.37 6.13 7.33
CA ALA A 201 8.39 4.90 6.50
C ALA A 201 8.45 3.68 7.42
N PRO A 202 7.52 3.53 8.39
CA PRO A 202 7.52 2.36 9.27
C PRO A 202 7.26 1.08 8.46
N ARG A 203 7.75 -0.04 8.97
CA ARG A 203 7.49 -1.40 8.44
C ARG A 203 5.97 -1.65 8.38
N GLY A 204 5.54 -2.60 7.55
CA GLY A 204 4.14 -2.99 7.40
C GLY A 204 3.94 -4.45 7.75
N ASN A 205 3.10 -5.16 7.03
CA ASN A 205 2.91 -6.62 7.21
C ASN A 205 4.25 -7.30 6.91
N GLY A 206 4.88 -6.92 5.79
CA GLY A 206 6.29 -7.20 5.50
C GLY A 206 7.19 -6.14 6.14
N ILE A 207 8.41 -6.52 6.50
CA ILE A 207 9.40 -5.61 7.16
C ILE A 207 9.75 -4.48 6.19
N ASP A 208 10.22 -4.85 4.99
CA ASP A 208 10.54 -3.90 3.90
C ASP A 208 9.22 -3.35 3.35
N THR A 209 9.26 -2.14 2.83
CA THR A 209 8.07 -1.31 2.49
C THR A 209 8.39 -0.59 1.17
N HIS A 210 7.41 -0.41 0.28
CA HIS A 210 7.60 0.33 -1.00
C HIS A 210 7.90 1.80 -0.68
N ARG A 211 7.25 2.36 0.34
CA ARG A 211 7.35 3.79 0.76
C ARG A 211 8.82 4.17 1.01
N LEU A 212 9.62 3.26 1.59
CA LEU A 212 11.05 3.49 1.89
C LEU A 212 11.75 3.93 0.59
N TRP A 213 11.54 3.16 -0.48
CA TRP A 213 12.24 3.32 -1.78
C TRP A 213 11.64 4.48 -2.57
N GLU A 214 10.31 4.61 -2.57
CA GLU A 214 9.56 5.77 -3.14
C GLU A 214 10.14 7.08 -2.59
N SER A 215 10.36 7.16 -1.28
CA SER A 215 10.96 8.33 -0.58
C SER A 215 12.35 8.63 -1.16
N LEU A 216 13.23 7.64 -1.23
CA LEU A 216 14.65 7.81 -1.69
C LEU A 216 14.69 8.25 -3.17
N TYR A 217 13.84 7.68 -4.03
CA TYR A 217 13.76 8.05 -5.47
C TYR A 217 13.35 9.51 -5.63
N LEU A 218 12.60 10.06 -4.65
CA LEU A 218 12.13 11.47 -4.64
C LEU A 218 13.09 12.34 -3.81
N ARG A 219 14.23 11.80 -3.39
CA ARG A 219 15.29 12.53 -2.65
C ARG A 219 14.71 13.05 -1.33
N THR A 220 13.79 12.29 -0.73
CA THR A 220 13.22 12.52 0.63
C THR A 220 13.79 11.45 1.56
N ILE A 221 14.12 11.80 2.80
CA ILE A 221 14.74 10.87 3.79
C ILE A 221 13.62 10.07 4.46
N PRO A 222 13.57 8.74 4.28
CA PRO A 222 12.60 7.91 5.00
C PRO A 222 13.08 7.63 6.44
N ILE A 223 12.17 7.73 7.41
CA ILE A 223 12.44 7.37 8.83
C ILE A 223 11.94 5.93 9.04
N VAL A 224 12.84 5.05 9.47
CA VAL A 224 12.61 3.57 9.53
C VAL A 224 13.16 3.05 10.85
N LYS A 225 12.42 2.18 11.55
CA LYS A 225 12.89 1.55 12.81
C LYS A 225 13.99 0.55 12.47
N LYS A 226 15.09 0.57 13.23
CA LYS A 226 16.22 -0.38 13.08
C LYS A 226 15.68 -1.82 13.09
N HIS A 227 16.19 -2.65 12.19
CA HIS A 227 15.82 -4.08 12.03
C HIS A 227 16.92 -4.76 11.23
N ILE A 228 17.23 -6.02 11.52
CA ILE A 228 18.30 -6.80 10.81
C ILE A 228 18.00 -6.80 9.31
N ALA A 229 16.71 -6.73 8.93
CA ALA A 229 16.26 -6.68 7.51
C ALA A 229 16.80 -5.44 6.82
N GLU A 231 19.75 -3.86 7.78
CA GLU A 231 21.10 -3.61 8.29
C GLU A 231 22.11 -3.47 7.14
N GLN A 232 21.78 -3.92 5.93
CA GLN A 232 22.69 -3.86 4.74
C GLN A 232 22.41 -2.61 3.91
N PHE A 233 21.50 -1.74 4.35
CA PHE A 233 21.10 -0.48 3.65
C PHE A 233 21.60 0.75 4.40
N THR A 234 22.54 0.59 5.34
CA THR A 234 23.09 1.68 6.20
C THR A 234 23.96 2.64 5.36
N ASP A 235 24.28 2.28 4.11
CA ASP A 235 25.04 3.14 3.16
C ASP A 235 24.06 3.87 2.23
N LEU A 236 22.77 3.91 2.58
CA LEU A 236 21.75 4.77 1.93
C LEU A 236 21.27 5.80 2.96
N PRO A 237 20.82 6.99 2.52
CA PRO A 237 20.42 8.07 3.45
C PRO A 237 19.04 7.80 4.08
N ILE A 238 18.95 6.72 4.87
CA ILE A 238 17.76 6.34 5.69
C ILE A 238 18.04 6.78 7.12
N LEU A 239 17.11 7.49 7.75
CA LEU A 239 17.20 7.80 9.21
C LEU A 239 16.68 6.60 9.99
N PHE A 240 17.58 5.80 10.56
CA PHE A 240 17.26 4.60 11.36
C PHE A 240 17.08 4.99 12.83
N VAL A 241 15.93 4.62 13.40
CA VAL A 241 15.52 5.02 14.77
C VAL A 241 15.41 3.76 15.63
N ASN A 242 15.74 3.88 16.93
CA ASN A 242 15.65 2.80 17.94
C ASN A 242 14.18 2.55 18.30
N ASP A 243 13.36 3.62 18.25
CA ASP A 243 11.91 3.60 18.59
C ASP A 243 11.26 4.83 17.95
N TRP A 244 9.97 5.04 18.19
CA TRP A 244 9.17 6.10 17.53
C TRP A 244 8.89 7.25 18.50
N GLU A 245 9.52 7.24 19.67
CA GLU A 245 9.26 8.23 20.76
C GLU A 245 10.33 9.32 20.73
N ASN A 246 9.89 10.57 20.97
CA ASN A 246 10.75 11.76 21.18
C ASN A 246 11.39 12.21 19.86
N ILE A 247 10.71 12.00 18.73
CA ILE A 247 11.05 12.72 17.46
C ILE A 247 10.59 14.16 17.67
N THR A 248 11.54 15.11 17.56
CA THR A 248 11.31 16.58 17.67
C THR A 248 11.76 17.25 16.39
N GLU A 249 11.30 18.49 16.17
CA GLU A 249 11.73 19.36 15.05
C GLU A 249 13.26 19.54 15.11
N GLU A 250 13.80 19.78 16.31
CA GLU A 250 15.25 20.02 16.53
C GLU A 250 16.04 18.75 16.20
N TYR A 251 15.54 17.57 16.61
CA TYR A 251 16.11 16.24 16.27
C TYR A 251 16.21 16.09 14.74
N LEU A 252 15.11 16.32 14.03
CA LEU A 252 15.02 16.10 12.56
C LEU A 252 15.86 17.15 11.82
N ASN A 253 15.84 18.41 12.27
CA ASN A 253 16.67 19.51 11.70
C ASN A 253 18.13 19.08 11.72
N GLU A 254 18.62 18.59 12.87
CA GLU A 254 20.02 18.13 13.04
C GLU A 254 20.30 16.94 12.09
N GLN A 255 19.43 15.93 12.08
CA GLN A 255 19.63 14.71 11.26
C GLN A 255 19.59 15.09 9.77
N TYR A 256 18.76 16.04 9.36
CA TYR A 256 18.70 16.56 7.97
C TYR A 256 20.08 17.10 7.58
N ASP A 257 20.67 17.95 8.43
CA ASP A 257 21.98 18.60 8.17
C ASP A 257 23.06 17.51 8.00
N ILE A 258 23.10 16.52 8.89
CA ILE A 258 24.11 15.43 8.90
C ILE A 258 23.95 14.58 7.63
N ILE A 259 22.71 14.16 7.32
CA ILE A 259 22.43 13.19 6.22
C ILE A 259 22.68 13.85 4.87
N ALA A 261 24.67 16.24 4.20
CA ALA A 261 26.09 16.57 4.06
C ALA A 261 26.89 15.37 3.59
N LYS A 262 26.49 14.14 3.94
CA LYS A 262 27.28 12.90 3.69
C LYS A 262 27.11 12.45 2.24
N ASP A 263 28.07 11.65 1.75
CA ASP A 263 28.00 10.90 0.47
C ASP A 263 27.44 9.50 0.76
N TRP A 264 26.57 9.01 -0.13
CA TRP A 264 25.87 7.71 0.03
C TRP A 264 26.06 6.87 -1.23
N ASN A 265 25.96 5.55 -1.08
CA ASN A 265 26.09 4.55 -2.17
C ASN A 265 24.75 4.49 -2.94
N LEU A 266 24.40 5.56 -3.65
CA LEU A 266 23.07 5.75 -4.29
C LEU A 266 22.90 4.83 -5.50
N ASP A 267 23.97 4.20 -5.98
CA ASP A 267 23.89 3.22 -7.11
C ASP A 267 23.10 1.99 -6.65
N LYS A 268 23.03 1.74 -5.34
CA LYS A 268 22.20 0.66 -4.73
C LYS A 268 20.71 0.89 -5.05
N LEU A 269 20.28 2.11 -5.34
CA LEU A 269 18.89 2.44 -5.73
C LEU A 269 18.59 2.01 -7.18
N LYS A 270 19.62 1.62 -7.95
CA LYS A 270 19.46 1.37 -9.42
C LYS A 270 19.62 -0.14 -9.68
N ILE A 271 18.71 -0.71 -10.47
CA ILE A 271 18.57 -2.18 -10.67
C ILE A 271 19.88 -2.76 -11.21
N ASP A 272 20.60 -2.02 -12.06
CA ASP A 272 21.88 -2.47 -12.69
C ASP A 272 22.86 -2.90 -11.60
N TYR A 273 22.84 -2.26 -10.42
CA TYR A 273 23.69 -2.63 -9.26
C TYR A 273 23.42 -4.09 -8.86
N TRP A 274 22.14 -4.51 -8.85
CA TRP A 274 21.70 -5.83 -8.34
C TRP A 274 21.83 -6.90 -9.44
N TYR A 275 21.68 -6.51 -10.71
CA TYR A 275 22.04 -7.35 -11.88
C TYR A 275 23.52 -7.76 -11.78
N GLN A 276 24.40 -6.76 -11.65
CA GLN A 276 25.88 -6.94 -11.52
C GLN A 276 26.20 -7.78 -10.26
N LYS A 277 25.49 -7.54 -9.16
CA LYS A 277 25.70 -8.24 -7.87
C LYS A 277 25.41 -9.74 -8.05
N ILE A 278 24.34 -10.08 -8.77
CA ILE A 278 23.97 -11.49 -9.10
C ILE A 278 24.99 -12.04 -10.11
N LEU A 279 25.31 -11.26 -11.16
CA LEU A 279 26.24 -11.65 -12.26
C LEU A 279 27.62 -12.01 -11.69
N GLU A 280 27.97 -11.51 -10.49
CA GLU A 280 29.24 -11.83 -9.80
C GLU A 280 29.29 -13.31 -9.40
N TYR A 281 28.15 -14.02 -9.48
CA TYR A 281 28.04 -15.49 -9.27
C TYR A 281 27.62 -16.16 -10.59
N LEU B 1 30.43 -4.18 -4.17
CA LEU B 1 30.10 -4.52 -5.60
C LEU B 1 31.39 -4.83 -6.38
N GLY B 2 32.48 -4.09 -6.11
CA GLY B 2 33.77 -4.24 -6.81
C GLY B 2 34.72 -5.21 -6.11
N SER B 3 34.59 -5.39 -4.79
CA SER B 3 35.59 -6.06 -3.90
C SER B 3 35.79 -7.52 -4.30
N LYS B 5 39.08 -11.06 -3.94
CA LYS B 5 40.09 -11.74 -3.14
C LYS B 5 41.48 -11.45 -3.68
N LEU B 6 42.50 -11.51 -2.81
CA LEU B 6 43.91 -11.15 -3.12
C LEU B 6 44.48 -12.09 -4.17
N ALA B 7 44.12 -13.38 -4.12
CA ALA B 7 44.56 -14.43 -5.06
C ALA B 7 44.13 -14.10 -6.50
N GLU B 8 43.01 -13.38 -6.66
CA GLU B 8 42.37 -13.09 -7.98
C GLU B 8 43.03 -11.88 -8.66
N LEU B 9 43.66 -10.97 -7.90
CA LEU B 9 44.21 -9.69 -8.42
C LEU B 9 44.95 -9.92 -9.74
N THR B 10 44.58 -9.14 -10.77
CA THR B 10 45.26 -9.07 -12.09
C THR B 10 45.60 -7.60 -12.38
N LEU B 11 46.70 -7.37 -13.10
CA LEU B 11 47.33 -6.04 -13.28
C LEU B 11 47.67 -5.80 -14.75
N GLU B 12 47.16 -4.71 -15.33
CA GLU B 12 47.69 -4.08 -16.58
C GLU B 12 48.95 -3.29 -16.21
N SER B 13 49.85 -3.07 -17.18
CA SER B 13 51.18 -2.44 -16.98
C SER B 13 51.05 -1.00 -16.46
N ASP B 14 49.89 -0.36 -16.62
CA ASP B 14 49.65 1.07 -16.30
C ASP B 14 48.78 1.22 -15.04
N ASP B 15 48.54 0.12 -14.31
CA ASP B 15 47.72 0.12 -13.06
C ASP B 15 48.53 0.73 -11.92
N PHE B 16 49.84 0.47 -11.88
CA PHE B 16 50.74 0.69 -10.71
C PHE B 16 50.67 2.14 -10.24
N ILE B 17 50.51 2.32 -8.92
CA ILE B 17 50.54 3.65 -8.25
C ILE B 17 51.99 4.10 -8.11
N THR B 18 52.28 5.33 -8.53
CA THR B 18 53.54 6.08 -8.28
C THR B 18 53.16 7.55 -8.07
N SER B 19 53.96 8.30 -7.31
CA SER B 19 53.67 9.72 -7.00
C SER B 19 53.80 10.56 -8.28
N ASP B 20 54.69 10.19 -9.20
CA ASP B 20 54.88 10.87 -10.51
C ASP B 20 53.54 10.91 -11.26
N LYS B 21 52.84 9.78 -11.35
CA LYS B 21 51.51 9.65 -12.03
C LYS B 21 50.55 10.71 -11.46
N LEU B 22 50.53 10.89 -10.13
CA LEU B 22 49.63 11.85 -9.44
C LEU B 22 50.10 13.29 -9.69
N PHE B 23 51.41 13.55 -9.66
CA PHE B 23 51.98 14.87 -10.04
C PHE B 23 51.54 15.19 -11.48
N ASN B 24 51.81 14.27 -12.42
CA ASN B 24 51.50 14.44 -13.86
C ASN B 24 49.99 14.68 -14.04
N PHE B 25 49.16 13.97 -13.28
CA PHE B 25 47.68 14.10 -13.30
C PHE B 25 47.28 15.52 -12.87
N CYS B 26 47.86 16.02 -11.77
CA CYS B 26 47.58 17.38 -11.23
C CYS B 26 47.95 18.44 -12.28
N LYS B 27 49.07 18.24 -12.97
CA LYS B 27 49.61 19.16 -14.02
C LYS B 27 48.67 19.19 -15.23
N SER B 28 47.93 18.10 -15.47
CA SER B 28 47.07 17.87 -16.66
C SER B 28 45.65 18.42 -16.44
N THR B 29 45.13 18.33 -15.21
CA THR B 29 43.74 18.75 -14.87
C THR B 29 43.53 20.22 -15.22
N ILE B 30 42.29 20.60 -15.54
CA ILE B 30 41.87 22.01 -15.82
C ILE B 30 41.16 22.58 -14.58
N PHE B 31 40.84 21.74 -13.59
CA PHE B 31 40.08 22.14 -12.37
C PHE B 31 41.04 22.60 -11.27
N GLY B 32 42.35 22.45 -11.49
CA GLY B 32 43.40 23.16 -10.74
C GLY B 32 43.82 22.46 -9.46
N ALA B 33 43.83 21.12 -9.43
CA ALA B 33 44.54 20.35 -8.39
C ALA B 33 46.02 20.72 -8.45
N LYS B 34 46.65 21.01 -7.30
CA LYS B 34 48.07 21.43 -7.21
C LYS B 34 48.87 20.36 -6.46
N TYR B 35 49.97 19.90 -7.06
CA TYR B 35 50.93 18.95 -6.46
C TYR B 35 52.15 19.73 -5.96
N VAL B 36 52.42 19.65 -4.65
CA VAL B 36 53.59 20.30 -3.99
C VAL B 36 54.42 19.22 -3.30
N LYS B 37 55.71 19.12 -3.63
CA LYS B 37 56.69 18.28 -2.88
C LYS B 37 56.64 18.73 -1.42
N THR B 38 56.44 17.81 -0.49
CA THR B 38 56.10 18.12 0.93
C THR B 38 57.15 19.06 1.56
N ASP B 39 58.42 18.97 1.14
CA ASP B 39 59.51 19.84 1.68
C ASP B 39 59.06 21.30 1.64
N PHE B 40 58.40 21.73 0.55
CA PHE B 40 58.04 23.15 0.29
C PHE B 40 56.84 23.57 1.15
N ILE B 41 56.10 22.59 1.68
CA ILE B 41 55.06 22.80 2.73
C ILE B 41 55.75 22.98 4.08
N LYS B 42 56.65 22.04 4.43
CA LYS B 42 57.23 21.96 5.80
C LYS B 42 58.13 23.17 6.05
N PHE B 43 58.86 23.66 5.03
CA PHE B 43 59.78 24.82 5.14
C PHE B 43 59.22 26.03 4.37
N ARG B 44 57.89 26.19 4.34
CA ARG B 44 57.24 27.36 3.69
C ARG B 44 57.68 28.64 4.41
N GLN B 45 57.98 29.69 3.65
CA GLN B 45 58.43 31.00 4.16
C GLN B 45 57.25 31.98 4.16
N TYR B 46 56.09 31.51 3.67
CA TYR B 46 54.77 32.17 3.79
C TYR B 46 53.77 31.14 4.31
N GLN B 47 52.78 31.60 5.06
CA GLN B 47 51.72 30.72 5.63
C GLN B 47 50.99 29.99 4.49
N TYR B 48 50.58 30.72 3.44
CA TYR B 48 49.61 30.22 2.43
C TYR B 48 50.18 30.32 1.01
N ILE B 49 51.49 30.58 0.86
CA ILE B 49 52.16 30.70 -0.47
C ILE B 49 53.36 29.74 -0.48
N VAL B 50 53.38 28.83 -1.45
CA VAL B 50 54.41 27.77 -1.60
C VAL B 50 54.74 27.62 -3.08
N SER B 51 55.86 26.97 -3.39
CA SER B 51 56.33 26.73 -4.76
C SER B 51 57.27 25.52 -4.76
N ASN B 52 57.22 24.72 -5.84
CA ASN B 52 58.13 23.57 -6.06
C ASN B 52 59.53 24.08 -6.43
N CYS B 53 59.65 25.39 -6.73
CA CYS B 53 60.94 26.11 -6.94
C CYS B 53 61.81 25.37 -7.97
N GLY B 54 61.21 24.86 -9.05
CA GLY B 54 61.93 24.23 -10.18
C GLY B 54 61.96 22.72 -10.11
N TRP B 55 61.65 22.13 -8.94
CA TRP B 55 61.42 20.67 -8.80
C TRP B 55 60.42 20.22 -9.89
N ARG B 56 60.76 19.17 -10.64
CA ARG B 56 59.97 18.67 -11.80
C ARG B 56 59.67 19.82 -12.77
N ASP B 57 60.60 20.78 -12.91
CA ASP B 57 60.52 21.97 -13.81
C ASP B 57 59.27 22.80 -13.52
N ASP B 58 58.79 22.82 -12.27
CA ASP B 58 57.60 23.59 -11.82
C ASP B 58 58.07 24.78 -10.98
N THR B 59 58.07 25.99 -11.55
CA THR B 59 58.45 27.27 -10.90
C THR B 59 57.21 28.11 -10.59
N ASP B 60 56.01 27.56 -10.82
CA ASP B 60 54.73 28.24 -10.49
C ASP B 60 54.71 28.54 -8.98
N VAL B 61 54.24 29.72 -8.60
CA VAL B 61 53.91 30.07 -7.19
C VAL B 61 52.47 29.62 -6.94
N VAL B 62 52.25 28.80 -5.91
CA VAL B 62 50.91 28.25 -5.57
C VAL B 62 50.33 29.05 -4.41
N PHE B 63 49.17 29.67 -4.62
CA PHE B 63 48.38 30.41 -3.60
C PHE B 63 47.32 29.45 -3.05
N LEU B 64 47.60 28.87 -1.88
CA LEU B 64 46.82 27.75 -1.28
C LEU B 64 45.38 28.21 -0.96
N GLU B 65 45.18 29.52 -0.74
CA GLU B 65 43.86 30.13 -0.49
C GLU B 65 43.02 30.15 -1.79
N ASN B 66 43.63 29.86 -2.94
CA ASN B 66 42.95 29.80 -4.26
C ASN B 66 43.02 28.37 -4.84
N THR B 67 43.46 27.40 -4.03
CA THR B 67 43.71 25.98 -4.41
C THR B 67 42.54 25.13 -3.90
N PRO B 68 41.77 24.47 -4.79
CA PRO B 68 40.64 23.64 -4.36
C PRO B 68 41.07 22.24 -3.85
N VAL B 69 42.07 21.64 -4.49
CA VAL B 69 42.65 20.30 -4.09
C VAL B 69 44.16 20.42 -4.00
N LEU B 70 44.73 20.11 -2.83
CA LEU B 70 46.20 20.03 -2.60
C LEU B 70 46.61 18.55 -2.57
N VAL B 71 47.68 18.20 -3.29
CA VAL B 71 48.29 16.84 -3.27
C VAL B 71 49.77 17.01 -2.91
N THR B 72 50.26 16.28 -1.90
CA THR B 72 51.68 16.31 -1.45
C THR B 72 52.27 14.88 -1.47
N GLY B 73 53.57 14.79 -1.70
CA GLY B 73 54.32 13.53 -1.76
C GLY B 73 55.75 13.76 -2.20
N HIS B 74 56.41 12.71 -2.71
CA HIS B 74 57.86 12.67 -3.05
C HIS B 74 58.69 13.12 -1.85
N SER B 75 58.34 12.67 -0.64
CA SER B 75 59.03 13.04 0.61
C SER B 75 58.68 12.08 1.74
N ASP B 76 59.63 11.86 2.64
CA ASP B 76 59.47 11.06 3.89
C ASP B 76 58.68 11.86 4.92
N TYR B 77 58.55 13.18 4.71
CA TYR B 77 57.83 14.09 5.63
C TYR B 77 56.35 13.69 5.67
N ASP B 78 55.72 13.94 6.83
CA ASP B 78 54.30 13.65 7.07
C ASP B 78 53.52 14.96 7.06
N ILE B 79 52.20 14.86 7.00
CA ILE B 79 51.25 15.99 7.23
C ILE B 79 50.73 15.83 8.66
N SER B 80 50.98 16.83 9.51
CA SER B 80 50.74 16.81 10.97
C SER B 80 50.00 18.09 11.40
N GLU B 81 49.92 18.32 12.72
CA GLU B 81 49.28 19.52 13.34
C GLU B 81 50.00 20.80 12.90
N ARG B 82 51.26 20.71 12.45
CA ARG B 82 52.03 21.88 11.95
C ARG B 82 51.35 22.46 10.69
N GLU B 83 50.54 21.67 9.97
CA GLU B 83 49.87 22.09 8.71
C GLU B 83 48.38 22.39 8.93
N ILE B 84 47.93 22.49 10.19
CA ILE B 84 46.49 22.66 10.55
C ILE B 84 45.95 23.99 9.97
N ASP B 85 46.79 25.03 9.90
CA ASP B 85 46.38 26.36 9.35
C ASP B 85 46.06 26.22 7.86
N ILE B 86 46.78 25.40 7.10
CA ILE B 86 46.50 25.16 5.66
C ILE B 86 45.24 24.28 5.54
N ILE B 87 45.16 23.22 6.34
CA ILE B 87 44.01 22.26 6.35
C ILE B 87 42.72 23.05 6.56
N ARG B 88 42.76 24.05 7.46
CA ARG B 88 41.59 24.85 7.91
C ARG B 88 41.13 25.85 6.85
N LEU B 89 41.89 26.04 5.76
CA LEU B 89 41.47 26.94 4.65
C LEU B 89 40.13 26.43 4.10
N PRO B 90 39.06 27.26 4.15
CA PRO B 90 37.72 26.80 3.74
C PRO B 90 37.65 26.43 2.26
N ASN B 91 38.55 26.99 1.43
CA ASN B 91 38.58 26.80 -0.04
C ASN B 91 39.19 25.43 -0.41
N ILE B 92 40.03 24.87 0.46
CA ILE B 92 40.67 23.53 0.20
C ILE B 92 39.62 22.46 0.50
N ARG B 93 39.21 21.72 -0.53
CA ARG B 93 38.11 20.72 -0.46
C ARG B 93 38.68 19.40 0.06
N ALA B 94 39.93 19.07 -0.31
CA ALA B 94 40.61 17.81 0.04
C ALA B 94 42.12 18.00 -0.03
N TRP B 95 42.84 17.52 0.99
CA TRP B 95 44.32 17.37 0.96
C TRP B 95 44.66 15.88 0.82
N PHE B 96 45.08 15.46 -0.38
CA PHE B 96 45.62 14.11 -0.69
C PHE B 96 47.12 14.11 -0.41
N CYS B 97 47.60 13.19 0.44
CA CYS B 97 48.99 13.22 0.95
C CYS B 97 49.53 11.81 1.18
N GLN B 98 50.84 11.64 0.97
CA GLN B 98 51.61 10.51 1.56
C GLN B 98 51.79 10.82 3.04
N ASN B 99 51.87 9.79 3.88
CA ASN B 99 52.23 9.93 5.32
C ASN B 99 51.27 10.90 6.01
N ARG B 100 49.97 10.59 5.96
CA ARG B 100 48.91 11.26 6.77
C ARG B 100 49.22 11.02 8.25
N ASN B 101 49.45 12.08 9.03
CA ASN B 101 49.78 11.95 10.47
C ASN B 101 48.96 12.99 11.24
N ILE B 102 47.69 13.17 10.88
CA ILE B 102 46.71 14.00 11.64
C ILE B 102 45.31 13.41 11.45
N PRO B 103 44.53 13.20 12.53
CA PRO B 103 43.18 12.67 12.42
C PRO B 103 42.17 13.74 11.98
N HIS B 104 42.27 14.20 10.73
CA HIS B 104 41.40 15.25 10.14
C HIS B 104 40.72 14.68 8.89
N PRO B 105 39.37 14.80 8.77
CA PRO B 105 38.65 14.17 7.65
C PRO B 105 38.93 14.79 6.28
N LYS B 106 39.40 16.05 6.22
CA LYS B 106 39.78 16.72 4.94
C LYS B 106 41.05 16.07 4.36
N VAL B 107 41.89 15.49 5.21
CA VAL B 107 43.21 14.91 4.79
C VAL B 107 43.00 13.43 4.44
N ILE B 108 43.27 13.08 3.18
CA ILE B 108 43.04 11.74 2.56
C ILE B 108 44.38 11.14 2.16
N SER B 109 44.76 10.02 2.77
CA SER B 109 45.96 9.21 2.42
C SER B 109 45.84 8.69 0.99
N PHE B 110 46.95 8.63 0.26
CA PHE B 110 47.08 7.80 -0.96
C PHE B 110 48.34 6.95 -0.83
N PRO B 111 48.36 5.74 -1.43
CA PRO B 111 49.49 4.82 -1.31
C PRO B 111 50.77 5.45 -1.88
N LEU B 112 51.88 5.27 -1.18
CA LEU B 112 53.24 5.62 -1.69
C LEU B 112 53.44 4.90 -3.03
N GLY B 113 52.99 3.65 -3.13
CA GLY B 113 53.12 2.82 -4.35
C GLY B 113 54.59 2.54 -4.66
N ILE B 114 54.92 2.43 -5.95
CA ILE B 114 56.25 1.98 -6.43
C ILE B 114 57.16 3.21 -6.62
N THR B 115 58.48 3.00 -6.48
CA THR B 115 59.55 3.98 -6.77
C THR B 115 59.31 4.59 -8.16
N ASN B 116 59.51 5.90 -8.29
CA ASN B 116 59.39 6.67 -9.56
C ASN B 116 60.60 6.36 -10.44
N LYS B 117 60.44 5.48 -11.44
CA LYS B 117 61.54 5.03 -12.34
C LYS B 117 62.08 6.23 -13.16
N ASP B 118 61.22 7.21 -13.44
CA ASP B 118 61.51 8.39 -14.32
C ASP B 118 62.25 9.48 -13.55
N GLU B 119 62.49 9.30 -12.25
CA GLU B 119 63.28 10.24 -11.40
C GLU B 119 64.56 10.60 -12.15
N PRO B 120 64.68 11.82 -12.74
CA PRO B 120 65.79 12.14 -13.64
C PRO B 120 67.17 11.75 -13.11
N ASN B 121 67.97 11.07 -13.93
CA ASN B 121 69.42 10.81 -13.73
C ASN B 121 69.67 10.11 -12.38
N SER B 122 68.84 9.13 -12.03
CA SER B 122 68.99 8.30 -10.79
C SER B 122 68.85 6.81 -11.14
N GLU B 123 69.98 6.10 -11.07
CA GLU B 123 70.11 4.66 -11.42
C GLU B 123 69.22 3.82 -10.49
N ILE B 124 69.36 4.01 -9.17
CA ILE B 124 68.59 3.25 -8.14
C ILE B 124 67.09 3.33 -8.50
N HIS B 125 66.58 4.52 -8.82
CA HIS B 125 65.16 4.77 -9.16
C HIS B 125 64.77 3.96 -10.41
N ARG B 126 65.65 3.97 -11.42
CA ARG B 126 65.46 3.27 -12.71
C ARG B 126 65.32 1.75 -12.45
N ILE B 127 66.13 1.23 -11.51
CA ILE B 127 66.17 -0.21 -11.16
C ILE B 127 64.92 -0.59 -10.36
N ILE B 128 64.75 -0.06 -9.14
CA ILE B 128 63.70 -0.52 -8.17
C ILE B 128 62.34 0.09 -8.55
N GLY B 129 62.31 1.06 -9.46
CA GLY B 129 61.07 1.62 -10.03
C GLY B 129 60.54 0.82 -11.21
N ASN B 130 61.23 -0.25 -11.63
CA ASN B 130 60.83 -1.06 -12.81
C ASN B 130 59.59 -1.90 -12.48
N THR B 131 58.41 -1.40 -12.86
CA THR B 131 57.10 -2.06 -12.68
C THR B 131 56.90 -3.17 -13.73
N ASP B 132 57.84 -3.33 -14.68
CA ASP B 132 57.84 -4.43 -15.68
C ASP B 132 58.28 -5.73 -14.99
N ARG B 133 59.39 -5.68 -14.24
CA ARG B 133 59.93 -6.82 -13.46
C ARG B 133 58.89 -7.28 -12.42
N ILE B 134 58.01 -6.38 -11.94
CA ILE B 134 56.91 -6.71 -10.99
C ILE B 134 55.83 -7.49 -11.75
N LEU B 135 55.40 -7.00 -12.91
CA LEU B 135 54.32 -7.62 -13.73
C LEU B 135 54.80 -8.97 -14.27
N GLU B 136 56.06 -9.04 -14.70
CA GLU B 136 56.75 -10.30 -15.11
C GLU B 136 56.59 -11.34 -14.00
N VAL B 137 57.08 -11.04 -12.80
CA VAL B 137 57.09 -11.96 -11.62
C VAL B 137 55.66 -12.43 -11.33
N SER B 138 54.70 -11.49 -11.29
CA SER B 138 53.30 -11.72 -10.84
C SER B 138 52.53 -12.60 -11.83
N LYS B 139 53.19 -13.11 -12.88
CA LYS B 139 52.59 -14.03 -13.88
C LYS B 139 53.39 -15.34 -13.99
N THR B 140 54.56 -15.44 -13.33
CA THR B 140 55.19 -16.74 -13.02
C THR B 140 54.25 -17.48 -12.08
N PRO B 141 54.29 -18.83 -12.00
CA PRO B 141 53.44 -19.55 -11.06
C PRO B 141 53.87 -19.25 -9.61
N LYS B 142 52.91 -18.91 -8.75
CA LYS B 142 53.15 -18.54 -7.32
C LYS B 142 53.43 -19.82 -6.51
N GLU B 143 54.69 -20.25 -6.45
CA GLU B 143 55.15 -21.42 -5.66
C GLU B 143 55.65 -20.94 -4.29
N ILE B 144 54.86 -21.17 -3.23
CA ILE B 144 55.19 -20.74 -1.83
C ILE B 144 56.38 -21.58 -1.33
N LYS B 145 57.47 -20.92 -0.94
CA LYS B 145 58.69 -21.55 -0.37
C LYS B 145 58.64 -21.50 1.16
N ASN B 146 58.01 -20.48 1.77
CA ASN B 146 57.92 -20.36 3.24
C ASN B 146 56.80 -19.39 3.63
N LEU B 147 56.62 -19.17 4.94
CA LEU B 147 55.47 -18.41 5.50
C LEU B 147 55.72 -16.90 5.36
N VAL B 148 56.86 -16.39 5.84
CA VAL B 148 57.18 -14.93 5.91
C VAL B 148 58.56 -14.69 5.30
N TYR B 149 58.68 -13.66 4.45
CA TYR B 149 59.95 -13.14 3.89
C TYR B 149 60.41 -11.94 4.71
N ASN B 151 63.41 -9.06 4.48
CA ASN B 151 64.46 -8.39 3.74
C ASN B 151 64.23 -6.89 3.90
N ILE B 152 64.80 -6.31 4.95
CA ILE B 152 64.55 -4.90 5.39
C ILE B 152 65.90 -4.27 5.74
N THR B 153 66.08 -2.99 5.40
CA THR B 153 67.22 -2.16 5.87
C THR B 153 66.89 -1.66 7.29
N VAL B 154 67.46 -2.31 8.32
CA VAL B 154 67.13 -2.07 9.75
C VAL B 154 67.38 -0.60 10.13
N LYS B 155 68.48 -0.02 9.65
CA LYS B 155 69.00 1.31 10.06
C LYS B 155 68.00 2.41 9.71
N ASN B 156 67.11 2.18 8.73
CA ASN B 156 66.11 3.19 8.28
C ASN B 156 65.07 3.47 9.38
N PHE B 157 64.74 2.51 10.25
CA PHE B 157 63.86 2.73 11.43
C PHE B 157 64.08 1.63 12.47
N PRO B 158 65.20 1.69 13.24
CA PRO B 158 65.60 0.59 14.12
C PRO B 158 64.61 0.19 15.22
N GLU B 159 63.89 1.15 15.80
CA GLU B 159 62.96 0.94 16.94
C GLU B 159 62.03 -0.24 16.64
N GLU B 160 61.58 -0.37 15.38
CA GLU B 160 60.70 -1.48 14.91
C GLU B 160 61.55 -2.53 14.19
N ARG B 161 62.37 -2.12 13.23
CA ARG B 161 63.05 -3.06 12.31
C ARG B 161 64.06 -3.93 13.09
N GLN B 162 64.70 -3.38 14.14
CA GLN B 162 65.73 -4.12 14.92
C GLN B 162 65.04 -5.26 15.68
N ARG B 163 63.83 -5.02 16.20
CA ARG B 163 63.03 -6.05 16.92
C ARG B 163 62.68 -7.19 15.96
N ILE B 164 62.28 -6.88 14.72
CA ILE B 164 61.89 -7.89 13.70
C ILE B 164 63.07 -8.83 13.46
N VAL B 165 64.26 -8.27 13.22
CA VAL B 165 65.48 -9.06 12.87
C VAL B 165 65.91 -9.86 14.10
N ASP B 166 65.89 -9.25 15.30
CA ASP B 166 66.30 -9.91 16.57
C ASP B 166 65.35 -11.06 16.91
N LEU B 167 64.04 -10.88 16.74
CA LEU B 167 63.02 -11.86 17.22
C LEU B 167 62.87 -13.04 16.24
N TYR B 168 62.98 -12.82 14.93
CA TYR B 168 62.42 -13.75 13.91
C TYR B 168 63.45 -14.24 12.90
N SER B 169 64.71 -13.78 12.95
CA SER B 169 65.74 -14.14 11.94
C SER B 169 65.99 -15.66 11.92
N ASP B 170 65.84 -16.32 13.07
CA ASP B 170 66.26 -17.73 13.30
C ASP B 170 65.07 -18.69 13.21
N LYS B 171 63.89 -18.21 12.82
CA LYS B 171 62.65 -19.04 12.73
C LYS B 171 62.67 -19.83 11.42
N SER B 172 62.27 -21.10 11.48
CA SER B 172 62.21 -22.03 10.32
C SER B 172 61.18 -21.53 9.31
N TRP B 173 60.15 -20.82 9.77
CA TRP B 173 59.02 -20.31 8.95
C TRP B 173 59.33 -18.91 8.41
N VAL B 174 60.56 -18.41 8.64
CA VAL B 174 61.07 -17.13 8.09
C VAL B 174 62.18 -17.44 7.08
N THR B 175 62.13 -16.83 5.90
CA THR B 175 63.24 -16.75 4.91
C THR B 175 63.88 -15.36 5.00
N ILE B 176 65.18 -15.30 5.26
CA ILE B 176 65.99 -14.05 5.20
C ILE B 176 66.47 -13.84 3.76
N GLY B 177 66.38 -12.61 3.26
CA GLY B 177 67.00 -12.16 2.00
C GLY B 177 68.04 -11.09 2.27
N LYS B 178 69.22 -11.20 1.66
CA LYS B 178 70.28 -10.17 1.74
C LYS B 178 69.88 -8.96 0.87
N GLY B 179 70.07 -7.75 1.39
CA GLY B 179 69.83 -6.49 0.66
C GLY B 179 70.77 -6.35 -0.52
N GLU B 180 70.21 -6.30 -1.74
CA GLU B 180 70.98 -6.18 -3.01
C GLU B 180 70.09 -5.49 -4.05
N VAL B 181 70.54 -4.36 -4.61
CA VAL B 181 69.70 -3.41 -5.39
C VAL B 181 70.25 -3.27 -6.82
N SER B 182 70.82 -4.34 -7.38
CA SER B 182 71.08 -4.49 -8.83
C SER B 182 69.76 -4.82 -9.54
N GLU B 183 69.74 -4.81 -10.87
CA GLU B 183 68.56 -5.20 -11.67
C GLU B 183 68.18 -6.66 -11.34
N GLU B 184 69.19 -7.51 -11.15
CA GLU B 184 69.07 -8.93 -10.75
C GLU B 184 68.64 -9.01 -9.28
N GLY B 185 69.31 -8.27 -8.41
CA GLY B 185 68.96 -8.11 -6.98
C GLY B 185 67.50 -7.75 -6.81
N HIS B 186 67.02 -6.76 -7.59
CA HIS B 186 65.60 -6.34 -7.65
C HIS B 186 64.73 -7.55 -8.03
N ARG B 187 65.18 -8.32 -9.01
CA ARG B 187 64.45 -9.50 -9.53
C ARG B 187 64.35 -10.56 -8.43
N LYS B 188 65.46 -10.88 -7.77
CA LYS B 188 65.53 -11.87 -6.66
C LYS B 188 64.52 -11.46 -5.58
N PHE B 189 64.53 -10.19 -5.19
CA PHE B 189 63.66 -9.59 -4.15
C PHE B 189 62.18 -9.87 -4.48
N LEU B 190 61.76 -9.55 -5.70
CA LEU B 190 60.34 -9.68 -6.14
C LEU B 190 59.96 -11.17 -6.26
N GLU B 191 60.88 -12.01 -6.73
CA GLU B 191 60.71 -13.49 -6.82
C GLU B 191 60.60 -14.07 -5.40
N ASP B 192 61.54 -13.72 -4.52
CA ASP B 192 61.54 -14.12 -3.08
C ASP B 192 60.20 -13.73 -2.45
N TYR B 194 57.42 -13.03 -3.84
CA TYR B 194 56.31 -13.68 -4.51
C TYR B 194 56.08 -15.09 -3.92
N ALA B 195 57.15 -15.75 -3.51
CA ALA B 195 57.19 -17.16 -3.05
C ALA B 195 56.95 -17.25 -1.53
N HIS B 196 56.40 -16.20 -0.92
CA HIS B 196 56.01 -16.21 0.52
C HIS B 196 54.57 -15.76 0.67
N LYS B 197 53.90 -16.23 1.72
CA LYS B 197 52.50 -15.88 2.06
C LYS B 197 52.46 -14.46 2.63
N PHE B 198 53.42 -14.15 3.52
CA PHE B 198 53.56 -12.83 4.19
C PHE B 198 54.97 -12.28 3.95
N CYS B 199 55.14 -10.97 4.15
CA CYS B 199 56.46 -10.34 4.36
C CYS B 199 56.37 -9.29 5.46
N PHE B 200 57.45 -9.11 6.21
CA PHE B 200 57.61 -8.01 7.19
C PHE B 200 57.72 -6.70 6.39
N ALA B 201 56.76 -5.79 6.58
CA ALA B 201 56.69 -4.50 5.87
C ALA B 201 56.65 -3.36 6.88
N PRO B 202 57.62 -3.28 7.83
CA PRO B 202 57.63 -2.21 8.81
C PRO B 202 57.92 -0.86 8.13
N ARG B 203 57.44 0.22 8.74
CA ARG B 203 57.72 1.61 8.32
C ARG B 203 59.23 1.82 8.20
N GLY B 204 59.63 2.86 7.47
CA GLY B 204 61.03 3.29 7.36
C GLY B 204 61.20 4.69 7.93
N ASN B 205 62.09 5.46 7.33
CA ASN B 205 62.28 6.90 7.66
C ASN B 205 60.95 7.62 7.45
N GLY B 206 60.29 7.37 6.32
CA GLY B 206 58.86 7.69 6.11
C GLY B 206 57.98 6.58 6.64
N ILE B 207 56.74 6.88 7.02
CA ILE B 207 55.80 5.88 7.59
C ILE B 207 55.43 4.87 6.49
N ASP B 208 54.96 5.36 5.33
CA ASP B 208 54.62 4.50 4.17
C ASP B 208 55.93 3.98 3.54
N THR B 209 55.91 2.79 2.95
CA THR B 209 57.08 2.13 2.31
C THR B 209 56.67 1.53 0.97
N HIS B 210 57.59 1.43 0.02
CA HIS B 210 57.33 0.81 -1.30
C HIS B 210 57.00 -0.67 -1.07
N ARG B 211 57.70 -1.31 -0.13
CA ARG B 211 57.59 -2.76 0.19
C ARG B 211 56.13 -3.13 0.44
N LEU B 212 55.39 -2.31 1.18
CA LEU B 212 53.95 -2.56 1.48
C LEU B 212 53.22 -2.84 0.15
N TRP B 213 53.42 -1.98 -0.85
CA TRP B 213 52.65 -2.03 -2.12
C TRP B 213 53.24 -3.09 -3.05
N GLU B 214 54.57 -3.25 -3.04
CA GLU B 214 55.30 -4.31 -3.78
C GLU B 214 54.75 -5.67 -3.37
N SER B 215 54.39 -5.83 -2.09
CA SER B 215 53.81 -7.05 -1.48
C SER B 215 52.41 -7.30 -2.06
N LEU B 216 51.51 -6.33 -1.93
CA LEU B 216 50.09 -6.43 -2.33
C LEU B 216 49.96 -6.71 -3.84
N TYR B 217 50.89 -6.20 -4.66
CA TYR B 217 50.92 -6.41 -6.13
C TYR B 217 51.35 -7.84 -6.46
N LEU B 218 52.30 -8.40 -5.69
CA LEU B 218 52.78 -9.80 -5.84
C LEU B 218 51.87 -10.76 -5.08
N ARG B 219 50.73 -10.27 -4.57
CA ARG B 219 49.66 -11.06 -3.90
C ARG B 219 50.23 -11.70 -2.62
N THR B 220 51.14 -11.00 -1.96
CA THR B 220 51.76 -11.37 -0.65
C THR B 220 51.23 -10.41 0.41
N ILE B 221 50.87 -10.92 1.59
CA ILE B 221 50.27 -10.11 2.71
C ILE B 221 51.41 -9.40 3.44
N PRO B 222 51.46 -8.04 3.39
CA PRO B 222 52.46 -7.30 4.16
C PRO B 222 52.04 -7.21 5.63
N ILE B 223 52.99 -7.35 6.56
CA ILE B 223 52.76 -7.16 8.02
C ILE B 223 53.27 -5.76 8.39
N VAL B 224 52.39 -4.93 8.94
CA VAL B 224 52.64 -3.46 9.17
C VAL B 224 52.13 -3.10 10.56
N LYS B 225 52.85 -2.23 11.28
CA LYS B 225 52.40 -1.76 12.63
C LYS B 225 51.30 -0.72 12.42
N LYS B 226 50.20 -0.85 13.18
CA LYS B 226 49.08 0.12 13.19
C LYS B 226 49.65 1.53 13.33
N HIS B 227 49.15 2.45 12.51
CA HIS B 227 49.54 3.89 12.49
C HIS B 227 48.40 4.68 11.85
N ILE B 228 48.15 5.90 12.32
CA ILE B 228 47.15 6.83 11.72
C ILE B 228 47.36 6.91 10.20
N ALA B 229 48.61 6.90 9.73
CA ALA B 229 48.96 6.99 8.29
C ALA B 229 48.42 5.79 7.52
N GLU B 231 45.47 4.05 8.46
CA GLU B 231 44.15 3.71 8.97
C GLU B 231 43.11 3.69 7.83
N GLN B 232 43.37 4.36 6.70
CA GLN B 232 42.43 4.42 5.56
C GLN B 232 42.70 3.25 4.58
N PHE B 233 43.62 2.35 4.91
CA PHE B 233 44.00 1.21 4.04
C PHE B 233 43.49 -0.13 4.62
N THR B 234 42.57 -0.09 5.58
CA THR B 234 42.05 -1.30 6.29
C THR B 234 41.08 -2.08 5.39
N ASP B 235 40.76 -1.59 4.18
CA ASP B 235 39.99 -2.35 3.16
C ASP B 235 40.95 -2.94 2.12
N LEU B 236 42.23 -3.07 2.49
CA LEU B 236 43.24 -3.86 1.72
C LEU B 236 43.74 -4.98 2.62
N PRO B 237 44.16 -6.13 2.02
CA PRO B 237 44.60 -7.29 2.81
C PRO B 237 45.99 -7.08 3.44
N ILE B 238 46.09 -6.09 4.34
CA ILE B 238 47.29 -5.80 5.16
C ILE B 238 47.04 -6.39 6.56
N LEU B 239 47.97 -7.18 7.07
CA LEU B 239 47.91 -7.65 8.48
C LEU B 239 48.49 -6.53 9.36
N PHE B 240 47.61 -5.75 10.00
CA PHE B 240 47.98 -4.65 10.93
C PHE B 240 48.22 -5.22 12.32
N VAL B 241 49.34 -4.84 12.94
CA VAL B 241 49.77 -5.38 14.27
C VAL B 241 49.91 -4.22 15.27
N ASN B 242 49.56 -4.47 16.53
CA ASN B 242 49.71 -3.53 17.67
C ASN B 242 51.21 -3.36 17.97
N ASP B 243 52.00 -4.41 17.78
CA ASP B 243 53.45 -4.44 18.10
C ASP B 243 54.08 -5.60 17.32
N TRP B 244 55.39 -5.83 17.50
CA TRP B 244 56.16 -6.82 16.72
C TRP B 244 56.46 -8.07 17.56
N GLU B 245 55.89 -8.17 18.76
CA GLU B 245 56.17 -9.28 19.71
C GLU B 245 55.09 -10.36 19.61
N ASN B 246 55.51 -11.63 19.69
CA ASN B 246 54.66 -12.84 19.80
C ASN B 246 53.96 -13.15 18.47
N ILE B 247 54.59 -12.80 17.34
CA ILE B 247 54.25 -13.40 16.01
C ILE B 247 54.69 -14.87 16.09
N THR B 248 53.74 -15.79 15.89
CA THR B 248 53.97 -17.26 15.84
C THR B 248 53.50 -17.81 14.50
N GLU B 249 53.94 -19.03 14.18
CA GLU B 249 53.49 -19.79 12.99
C GLU B 249 51.97 -19.93 13.04
N GLU B 250 51.43 -20.26 14.22
CA GLU B 250 49.98 -20.50 14.45
C GLU B 250 49.20 -19.19 14.23
N TYR B 251 49.70 -18.07 14.76
CA TYR B 251 49.09 -16.72 14.60
C TYR B 251 48.96 -16.40 13.10
N LEU B 252 50.04 -16.55 12.33
CA LEU B 252 50.08 -16.18 10.89
C LEU B 252 49.23 -17.16 10.06
N ASN B 253 49.31 -18.46 10.36
CA ASN B 253 48.48 -19.51 9.69
C ASN B 253 47.00 -19.10 9.79
N GLU B 254 46.53 -18.70 10.97
CA GLU B 254 45.13 -18.27 11.20
C GLU B 254 44.83 -17.00 10.40
N GLN B 255 45.71 -15.99 10.51
CA GLN B 255 45.51 -14.68 9.83
C GLN B 255 45.49 -14.90 8.32
N TYR B 256 46.35 -15.78 7.79
CA TYR B 256 46.37 -16.17 6.36
C TYR B 256 44.96 -16.66 5.97
N ASP B 257 44.38 -17.57 6.75
CA ASP B 257 43.05 -18.16 6.47
C ASP B 257 41.99 -17.04 6.46
N ILE B 258 42.01 -16.17 7.47
CA ILE B 258 41.01 -15.08 7.65
C ILE B 258 41.11 -14.11 6.46
N ILE B 259 42.33 -13.72 6.08
CA ILE B 259 42.58 -12.64 5.06
C ILE B 259 42.27 -13.16 3.67
N ALA B 261 40.31 -15.49 2.84
CA ALA B 261 38.90 -15.82 2.71
C ALA B 261 38.09 -14.55 2.43
N LYS B 262 38.57 -13.40 2.90
CA LYS B 262 37.86 -12.09 2.86
C LYS B 262 37.92 -11.52 1.43
N ASP B 263 36.93 -10.70 1.07
CA ASP B 263 36.94 -9.86 -0.16
C ASP B 263 37.50 -8.48 0.20
N TRP B 264 38.34 -7.90 -0.66
CA TRP B 264 39.05 -6.62 -0.42
C TRP B 264 38.82 -5.65 -1.58
N ASN B 265 38.82 -4.35 -1.28
CA ASN B 265 38.70 -3.21 -2.24
C ASN B 265 40.03 -3.07 -2.99
N LEU B 266 40.33 -4.01 -3.89
CA LEU B 266 41.66 -4.14 -4.57
C LEU B 266 41.80 -3.10 -5.69
N ASP B 267 40.71 -2.47 -6.13
CA ASP B 267 40.75 -1.34 -7.10
C ASP B 267 41.70 -0.25 -6.56
N LYS B 268 41.71 -0.05 -5.24
CA LYS B 268 42.58 0.92 -4.51
C LYS B 268 44.06 0.73 -4.87
N LEU B 269 44.48 -0.44 -5.35
CA LEU B 269 45.89 -0.73 -5.74
C LEU B 269 46.19 -0.18 -7.14
N LYS B 270 45.18 0.29 -7.88
CA LYS B 270 45.32 0.73 -9.30
C LYS B 270 45.12 2.25 -9.39
N ILE B 271 45.98 2.93 -10.15
CA ILE B 271 46.11 4.42 -10.19
C ILE B 271 44.78 5.06 -10.60
N ASP B 272 44.03 4.43 -11.49
CA ASP B 272 42.75 4.99 -12.04
C ASP B 272 41.79 5.28 -10.90
N TYR B 273 41.78 4.47 -9.83
CA TYR B 273 40.99 4.72 -8.60
C TYR B 273 41.29 6.12 -8.05
N TRP B 274 42.57 6.49 -8.05
CA TRP B 274 43.09 7.73 -7.39
C TRP B 274 42.90 8.93 -8.33
N TYR B 275 43.10 8.74 -9.64
CA TYR B 275 42.70 9.72 -10.68
C TYR B 275 41.23 10.11 -10.45
N GLN B 276 40.35 9.10 -10.39
CA GLN B 276 38.88 9.26 -10.21
C GLN B 276 38.56 9.88 -8.85
N LYS B 277 39.32 9.52 -7.81
CA LYS B 277 39.10 9.98 -6.41
C LYS B 277 39.35 11.50 -6.33
N ILE B 278 40.39 12.00 -7.00
CA ILE B 278 40.71 13.46 -7.05
C ILE B 278 39.66 14.18 -7.89
N LEU B 279 39.26 13.61 -9.03
CA LEU B 279 38.28 14.22 -9.98
C LEU B 279 36.95 14.52 -9.28
N GLU B 280 36.58 13.73 -8.27
CA GLU B 280 35.30 13.86 -7.52
C GLU B 280 35.32 15.12 -6.64
N TYR B 281 36.47 15.80 -6.51
CA TYR B 281 36.63 17.09 -5.79
C TYR B 281 36.82 18.25 -6.78
N SER B 282 36.34 18.09 -8.02
CA SER B 282 36.38 19.12 -9.10
C SER B 282 35.03 19.84 -9.18
N SER C 3 -37.38 -2.50 -3.41
CA SER C 3 -38.12 -2.25 -2.14
C SER C 3 -39.63 -2.42 -2.38
N LYS C 5 -43.26 -5.32 -2.16
CA LYS C 5 -43.92 -6.39 -1.43
C LYS C 5 -43.62 -7.73 -2.11
N LEU C 6 -43.72 -8.83 -1.34
CA LEU C 6 -43.42 -10.22 -1.79
C LEU C 6 -44.48 -10.71 -2.79
N ALA C 7 -45.70 -10.17 -2.73
CA ALA C 7 -46.85 -10.63 -3.54
C ALA C 7 -46.67 -10.22 -5.02
N GLU C 8 -46.00 -9.10 -5.28
CA GLU C 8 -45.75 -8.59 -6.66
C GLU C 8 -44.28 -8.81 -7.04
N LEU C 9 -43.69 -9.94 -6.60
CA LEU C 9 -42.39 -10.43 -7.14
C LEU C 9 -42.64 -11.01 -8.52
N THR C 10 -42.00 -10.45 -9.54
CA THR C 10 -41.98 -10.96 -10.94
C THR C 10 -40.55 -11.41 -11.24
N LEU C 11 -40.40 -12.53 -11.96
CA LEU C 11 -39.09 -13.13 -12.29
C LEU C 11 -38.97 -13.29 -13.81
N GLU C 12 -37.78 -13.02 -14.34
CA GLU C 12 -37.36 -13.34 -15.73
C GLU C 12 -36.43 -14.55 -15.66
N SER C 13 -36.29 -15.30 -16.76
CA SER C 13 -35.70 -16.66 -16.81
C SER C 13 -34.25 -16.66 -16.32
N ASP C 14 -33.57 -15.52 -16.39
CA ASP C 14 -32.13 -15.35 -16.06
C ASP C 14 -31.94 -14.88 -14.61
N ASP C 15 -33.01 -14.53 -13.90
CA ASP C 15 -32.93 -13.84 -12.59
C ASP C 15 -32.40 -14.77 -11.49
N PHE C 16 -32.63 -16.08 -11.63
CA PHE C 16 -32.42 -17.09 -10.58
C PHE C 16 -30.95 -17.14 -10.16
N ILE C 17 -30.71 -17.10 -8.85
CA ILE C 17 -29.36 -17.22 -8.22
C ILE C 17 -28.98 -18.70 -8.20
N THR C 18 -27.79 -19.01 -8.71
CA THR C 18 -27.08 -20.30 -8.55
C THR C 18 -25.59 -19.99 -8.36
N SER C 19 -24.85 -20.87 -7.69
CA SER C 19 -23.40 -20.67 -7.43
C SER C 19 -22.63 -20.79 -8.77
N ASP C 20 -23.13 -21.57 -9.74
CA ASP C 20 -22.51 -21.71 -11.08
C ASP C 20 -22.47 -20.33 -11.77
N LYS C 21 -23.51 -19.52 -11.64
CA LYS C 21 -23.58 -18.18 -12.30
C LYS C 21 -22.51 -17.26 -11.71
N LEU C 22 -22.28 -17.29 -10.39
CA LEU C 22 -21.25 -16.44 -9.74
C LEU C 22 -19.86 -16.97 -10.12
N PHE C 23 -19.68 -18.29 -10.18
CA PHE C 23 -18.41 -18.92 -10.63
C PHE C 23 -18.10 -18.45 -12.06
N ASN C 24 -19.05 -18.68 -12.99
CA ASN C 24 -18.94 -18.29 -14.42
C ASN C 24 -18.62 -16.80 -14.54
N PHE C 25 -19.30 -15.95 -13.76
CA PHE C 25 -19.10 -14.49 -13.76
C PHE C 25 -17.65 -14.16 -13.36
N CYS C 26 -17.13 -14.80 -12.32
CA CYS C 26 -15.75 -14.59 -11.78
C CYS C 26 -14.71 -15.11 -12.79
N LYS C 27 -14.98 -16.26 -13.39
CA LYS C 27 -14.02 -17.02 -14.25
C LYS C 27 -13.93 -16.38 -15.63
N SER C 28 -15.02 -15.77 -16.12
CA SER C 28 -15.16 -15.29 -17.53
C SER C 28 -14.73 -13.82 -17.66
N THR C 29 -14.63 -13.08 -16.56
CA THR C 29 -14.44 -11.61 -16.57
C THR C 29 -13.01 -11.24 -16.15
N ILE C 30 -12.60 -9.99 -16.40
CA ILE C 30 -11.22 -9.47 -16.16
C ILE C 30 -11.22 -8.58 -14.91
N PHE C 31 -12.33 -8.55 -14.16
CA PHE C 31 -12.53 -7.67 -12.98
C PHE C 31 -11.58 -8.06 -11.83
N GLY C 32 -11.12 -9.32 -11.81
CA GLY C 32 -10.12 -9.81 -10.85
C GLY C 32 -10.73 -10.57 -9.67
N ALA C 33 -12.06 -10.70 -9.63
CA ALA C 33 -12.78 -11.57 -8.66
C ALA C 33 -12.38 -13.03 -8.92
N LYS C 34 -12.14 -13.80 -7.86
CA LYS C 34 -11.75 -15.23 -7.93
C LYS C 34 -12.76 -16.07 -7.15
N TYR C 35 -13.35 -17.07 -7.80
CA TYR C 35 -14.28 -18.06 -7.19
C TYR C 35 -13.49 -19.32 -6.85
N VAL C 36 -13.51 -19.73 -5.57
CA VAL C 36 -12.83 -20.96 -5.08
C VAL C 36 -13.86 -21.83 -4.36
N LYS C 37 -14.08 -23.05 -4.84
CA LYS C 37 -14.85 -24.09 -4.11
C LYS C 37 -14.30 -24.19 -2.68
N THR C 38 -15.17 -24.16 -1.67
CA THR C 38 -14.79 -23.90 -0.26
C THR C 38 -13.80 -24.97 0.25
N ASP C 39 -13.84 -26.19 -0.30
CA ASP C 39 -12.94 -27.30 0.14
C ASP C 39 -11.47 -26.84 0.06
N PHE C 40 -11.11 -26.14 -1.01
CA PHE C 40 -9.72 -25.72 -1.32
C PHE C 40 -9.29 -24.54 -0.42
N ILE C 41 -10.25 -23.87 0.22
CA ILE C 41 -9.97 -22.87 1.30
C ILE C 41 -9.72 -23.64 2.61
N LYS C 42 -10.66 -24.49 3.01
CA LYS C 42 -10.61 -25.25 4.30
C LYS C 42 -9.33 -26.08 4.38
N PHE C 43 -8.94 -26.74 3.29
CA PHE C 43 -7.79 -27.69 3.24
C PHE C 43 -6.65 -27.09 2.41
N ARG C 44 -6.45 -25.77 2.50
CA ARG C 44 -5.32 -25.09 1.84
C ARG C 44 -4.02 -25.61 2.45
N GLN C 45 -3.01 -25.83 1.60
CA GLN C 45 -1.66 -26.33 1.99
C GLN C 45 -0.67 -25.15 1.96
N TYR C 46 -1.14 -23.98 1.54
CA TYR C 46 -0.43 -22.67 1.64
C TYR C 46 -1.37 -21.70 2.33
N GLN C 47 -0.81 -20.68 2.99
CA GLN C 47 -1.62 -19.67 3.73
C GLN C 47 -2.49 -18.89 2.73
N TYR C 48 -1.90 -18.40 1.63
CA TYR C 48 -2.55 -17.43 0.71
C TYR C 48 -2.54 -17.90 -0.74
N ILE C 49 -2.29 -19.19 -0.98
CA ILE C 49 -2.24 -19.77 -2.35
C ILE C 49 -3.19 -20.97 -2.41
N VAL C 50 -4.19 -20.89 -3.28
CA VAL C 50 -5.25 -21.93 -3.45
C VAL C 50 -5.52 -22.14 -4.94
N SER C 51 -6.11 -23.28 -5.28
CA SER C 51 -6.50 -23.67 -6.67
C SER C 51 -7.78 -24.51 -6.62
N ASN C 52 -8.62 -24.43 -7.65
CA ASN C 52 -9.79 -25.31 -7.81
C ASN C 52 -9.33 -26.69 -8.28
N CYS C 53 -8.05 -26.84 -8.63
CA CYS C 53 -7.37 -28.15 -8.91
C CYS C 53 -8.13 -28.94 -9.97
N GLY C 54 -8.65 -28.27 -11.00
CA GLY C 54 -9.34 -28.91 -12.13
C GLY C 54 -10.84 -29.00 -11.93
N TRP C 55 -11.36 -28.73 -10.71
CA TRP C 55 -12.82 -28.58 -10.45
C TRP C 55 -13.37 -27.54 -11.43
N ARG C 56 -14.49 -27.84 -12.10
CA ARG C 56 -15.11 -26.97 -13.14
C ARG C 56 -14.05 -26.65 -14.22
N ASP C 57 -13.09 -27.55 -14.42
CA ASP C 57 -11.97 -27.45 -15.39
C ASP C 57 -11.12 -26.19 -15.13
N ASP C 58 -11.05 -25.74 -13.87
CA ASP C 58 -10.25 -24.57 -13.43
C ASP C 58 -9.01 -25.08 -12.70
N THR C 59 -7.84 -24.97 -13.34
CA THR C 59 -6.52 -25.38 -12.79
C THR C 59 -5.66 -24.15 -12.50
N ASP C 60 -6.23 -22.95 -12.62
CA ASP C 60 -5.55 -21.68 -12.24
C ASP C 60 -5.15 -21.75 -10.77
N VAL C 61 -3.93 -21.30 -10.46
CA VAL C 61 -3.41 -21.10 -9.08
C VAL C 61 -3.73 -19.65 -8.68
N VAL C 62 -4.46 -19.48 -7.59
CA VAL C 62 -4.95 -18.16 -7.09
C VAL C 62 -4.04 -17.71 -5.96
N PHE C 63 -3.49 -16.50 -6.09
CA PHE C 63 -2.64 -15.83 -5.06
C PHE C 63 -3.52 -14.79 -4.38
N LEU C 64 -3.98 -15.09 -3.17
CA LEU C 64 -5.05 -14.35 -2.46
C LEU C 64 -4.58 -12.93 -2.11
N GLU C 65 -3.26 -12.69 -2.07
CA GLU C 65 -2.68 -11.36 -1.77
C GLU C 65 -2.77 -10.43 -2.99
N ASN C 66 -3.08 -10.98 -4.19
CA ASN C 66 -3.26 -10.23 -5.45
C ASN C 66 -4.74 -10.18 -5.85
N THR C 67 -5.65 -10.68 -5.01
CA THR C 67 -7.11 -10.78 -5.29
C THR C 67 -7.85 -9.64 -4.62
N PRO C 68 -8.65 -8.82 -5.34
CA PRO C 68 -9.48 -7.79 -4.72
C PRO C 68 -10.77 -8.34 -4.09
N VAL C 69 -11.36 -9.37 -4.70
CA VAL C 69 -12.66 -9.98 -4.28
C VAL C 69 -12.54 -11.51 -4.34
N LEU C 70 -12.81 -12.18 -3.22
CA LEU C 70 -12.87 -13.65 -3.11
C LEU C 70 -14.34 -14.06 -3.00
N VAL C 71 -14.74 -15.07 -3.77
CA VAL C 71 -16.11 -15.66 -3.77
C VAL C 71 -15.94 -17.16 -3.53
N THR C 72 -16.66 -17.73 -2.56
CA THR C 72 -16.59 -19.18 -2.22
C THR C 72 -18.00 -19.76 -2.12
N GLY C 73 -18.13 -21.05 -2.41
CA GLY C 73 -19.40 -21.80 -2.39
C GLY C 73 -19.23 -23.17 -3.02
N HIS C 74 -20.34 -23.79 -3.43
CA HIS C 74 -20.43 -25.19 -3.91
C HIS C 74 -19.95 -26.15 -2.82
N SER C 75 -20.34 -25.89 -1.56
CA SER C 75 -19.88 -26.69 -0.39
C SER C 75 -20.77 -26.40 0.82
N ASP C 76 -21.02 -27.44 1.62
CA ASP C 76 -21.67 -27.34 2.95
C ASP C 76 -20.76 -26.64 3.95
N TYR C 77 -19.46 -26.45 3.64
CA TYR C 77 -18.47 -25.84 4.56
C TYR C 77 -18.84 -24.37 4.80
N ASP C 78 -18.57 -23.88 6.00
CA ASP C 78 -18.78 -22.46 6.38
C ASP C 78 -17.46 -21.71 6.27
N ILE C 79 -17.55 -20.38 6.31
CA ILE C 79 -16.40 -19.44 6.49
C ILE C 79 -16.44 -18.99 7.95
N SER C 80 -15.35 -19.23 8.69
CA SER C 80 -15.27 -19.10 10.17
C SER C 80 -13.97 -18.38 10.57
N GLU C 81 -13.70 -18.33 11.87
CA GLU C 81 -12.45 -17.77 12.46
C GLU C 81 -11.22 -18.49 11.89
N ARG C 82 -11.39 -19.72 11.42
CA ARG C 82 -10.31 -20.51 10.75
C ARG C 82 -9.79 -19.76 9.51
N GLU C 83 -10.58 -18.90 8.89
CA GLU C 83 -10.19 -18.15 7.66
C GLU C 83 -9.85 -16.68 7.97
N ILE C 84 -9.63 -16.33 9.24
CA ILE C 84 -9.42 -14.91 9.69
C ILE C 84 -8.17 -14.32 9.03
N ASP C 85 -7.10 -15.11 8.89
CA ASP C 85 -5.82 -14.67 8.27
C ASP C 85 -6.07 -14.25 6.81
N ILE C 86 -6.90 -14.97 6.06
CA ILE C 86 -7.28 -14.59 4.66
C ILE C 86 -8.14 -13.33 4.72
N ILE C 87 -9.15 -13.30 5.61
CA ILE C 87 -10.11 -12.16 5.75
C ILE C 87 -9.32 -10.87 5.99
N ARG C 88 -8.24 -10.93 6.76
CA ARG C 88 -7.45 -9.74 7.21
C ARG C 88 -6.53 -9.22 6.11
N LEU C 89 -6.36 -9.93 4.98
CA LEU C 89 -5.53 -9.43 3.86
C LEU C 89 -6.00 -8.04 3.46
N PRO C 90 -5.12 -7.01 3.52
CA PRO C 90 -5.51 -5.64 3.20
C PRO C 90 -6.10 -5.49 1.79
N ASN C 91 -5.58 -6.26 0.83
CA ASN C 91 -5.95 -6.20 -0.61
C ASN C 91 -7.35 -6.78 -0.86
N ILE C 92 -7.87 -7.62 0.05
CA ILE C 92 -9.23 -8.22 -0.11
C ILE C 92 -10.26 -7.19 0.38
N ARG C 93 -11.07 -6.66 -0.55
CA ARG C 93 -12.09 -5.63 -0.28
C ARG C 93 -13.41 -6.29 0.16
N ALA C 94 -13.68 -7.50 -0.32
CA ALA C 94 -14.89 -8.27 0.08
C ALA C 94 -14.65 -9.77 -0.13
N TRP C 95 -15.14 -10.57 0.82
CA TRP C 95 -15.31 -12.04 0.69
C TRP C 95 -16.80 -12.35 0.61
N PHE C 96 -17.31 -12.66 -0.60
CA PHE C 96 -18.69 -13.17 -0.81
C PHE C 96 -18.68 -14.69 -0.59
N CYS C 97 -19.51 -15.20 0.31
CA CYS C 97 -19.50 -16.64 0.66
C CYS C 97 -20.90 -17.18 0.91
N GLN C 98 -21.08 -18.47 0.62
N GLN C 98 -21.06 -18.47 0.60
CA GLN C 98 -22.21 -19.28 1.14
CA GLN C 98 -22.12 -19.37 1.13
C GLN C 98 -21.83 -19.73 2.55
C GLN C 98 -21.79 -19.66 2.59
N ASN C 99 -22.79 -19.73 3.47
CA ASN C 99 -22.64 -20.22 4.86
C ASN C 99 -21.63 -19.35 5.63
N ARG C 100 -21.85 -18.03 5.65
CA ARG C 100 -21.11 -17.08 6.52
C ARG C 100 -21.26 -17.51 7.99
N ASN C 101 -20.15 -17.72 8.70
CA ASN C 101 -20.19 -18.16 10.13
C ASN C 101 -19.09 -17.43 10.90
N ILE C 102 -18.92 -16.14 10.64
CA ILE C 102 -18.03 -15.22 11.41
C ILE C 102 -18.63 -13.81 11.34
N PRO C 103 -18.85 -13.15 12.50
CA PRO C 103 -19.40 -11.79 12.51
C PRO C 103 -18.36 -10.73 12.10
N HIS C 104 -17.89 -10.80 10.85
CA HIS C 104 -16.86 -9.88 10.28
C HIS C 104 -17.51 -9.04 9.18
N PRO C 105 -17.30 -7.71 9.16
CA PRO C 105 -17.98 -6.84 8.19
C PRO C 105 -17.50 -7.02 6.74
N LYS C 106 -16.30 -7.59 6.54
CA LYS C 106 -15.68 -7.80 5.21
C LYS C 106 -16.29 -9.03 4.53
N VAL C 107 -16.85 -9.97 5.31
CA VAL C 107 -17.48 -11.22 4.80
C VAL C 107 -18.95 -10.95 4.51
N ILE C 108 -19.36 -11.11 3.24
CA ILE C 108 -20.74 -10.81 2.74
C ILE C 108 -21.39 -12.14 2.32
N SER C 109 -22.47 -12.52 3.00
CA SER C 109 -23.32 -13.68 2.61
C SER C 109 -23.92 -13.45 1.22
N PHE C 110 -23.95 -14.47 0.38
CA PHE C 110 -24.83 -14.51 -0.82
C PHE C 110 -25.71 -15.75 -0.74
N PRO C 111 -26.98 -15.67 -1.23
CA PRO C 111 -27.88 -16.82 -1.21
C PRO C 111 -27.31 -18.07 -1.90
N LEU C 112 -27.51 -19.24 -1.30
CA LEU C 112 -27.24 -20.56 -1.94
C LEU C 112 -28.03 -20.62 -3.25
N GLY C 113 -29.27 -20.12 -3.25
CA GLY C 113 -30.16 -20.09 -4.42
C GLY C 113 -30.56 -21.49 -4.84
N ILE C 114 -30.58 -21.75 -6.14
CA ILE C 114 -31.14 -23.01 -6.74
C ILE C 114 -29.97 -23.95 -7.10
N THR C 115 -30.20 -25.25 -6.94
CA THR C 115 -29.29 -26.35 -7.37
C THR C 115 -28.72 -26.04 -8.76
N ASN C 116 -27.46 -26.41 -8.99
CA ASN C 116 -26.71 -26.16 -10.26
C ASN C 116 -27.09 -27.24 -11.28
N LYS C 117 -27.95 -26.93 -12.25
CA LYS C 117 -28.46 -27.90 -13.26
C LYS C 117 -27.32 -28.45 -14.13
N ASP C 118 -26.22 -27.69 -14.28
CA ASP C 118 -25.10 -28.02 -15.19
C ASP C 118 -23.99 -28.79 -14.45
N GLU C 119 -24.23 -29.21 -13.20
CA GLU C 119 -23.30 -30.11 -12.45
C GLU C 119 -23.05 -31.34 -13.31
N PRO C 120 -21.85 -31.48 -13.93
CA PRO C 120 -21.63 -32.53 -14.93
C PRO C 120 -22.02 -33.94 -14.47
N ASN C 121 -22.72 -34.68 -15.34
CA ASN C 121 -22.99 -36.13 -15.21
C ASN C 121 -23.80 -36.43 -13.94
N SER C 122 -24.73 -35.55 -13.57
CA SER C 122 -25.61 -35.72 -12.38
C SER C 122 -27.08 -35.47 -12.77
N GLU C 123 -27.89 -36.53 -12.78
CA GLU C 123 -29.33 -36.45 -13.18
C GLU C 123 -30.09 -35.62 -12.15
N ILE C 124 -29.92 -35.93 -10.85
CA ILE C 124 -30.60 -35.22 -9.72
C ILE C 124 -30.40 -33.70 -9.87
N HIS C 125 -29.20 -33.26 -10.27
CA HIS C 125 -28.87 -31.82 -10.47
C HIS C 125 -29.69 -31.25 -11.65
N ARG C 126 -29.74 -31.97 -12.78
CA ARG C 126 -30.52 -31.58 -13.99
C ARG C 126 -32.00 -31.37 -13.62
N ILE C 127 -32.53 -32.22 -12.74
CA ILE C 127 -33.97 -32.19 -12.32
C ILE C 127 -34.22 -30.98 -11.40
N ILE C 128 -33.66 -31.00 -10.17
CA ILE C 128 -34.03 -30.05 -9.08
C ILE C 128 -33.32 -28.70 -9.29
N GLY C 129 -32.47 -28.60 -10.31
CA GLY C 129 -31.82 -27.34 -10.74
C GLY C 129 -32.57 -26.66 -11.89
N ASN C 130 -33.73 -27.20 -12.30
CA ASN C 130 -34.54 -26.67 -13.44
C ASN C 130 -35.31 -25.42 -12.98
N THR C 131 -34.74 -24.23 -13.21
CA THR C 131 -35.29 -22.91 -12.80
C THR C 131 -36.46 -22.51 -13.73
N ASP C 132 -36.47 -23.00 -14.97
CA ASP C 132 -37.56 -22.78 -15.95
C ASP C 132 -38.88 -23.30 -15.38
N ARG C 133 -38.85 -24.47 -14.73
CA ARG C 133 -40.03 -25.13 -14.09
C ARG C 133 -40.47 -24.33 -12.86
N ILE C 134 -39.55 -23.70 -12.14
CA ILE C 134 -39.88 -22.75 -11.02
C ILE C 134 -40.58 -21.53 -11.62
N LEU C 135 -40.03 -21.00 -12.72
CA LEU C 135 -40.50 -19.74 -13.37
C LEU C 135 -41.95 -19.90 -13.84
N GLU C 136 -42.31 -21.07 -14.38
CA GLU C 136 -43.66 -21.30 -14.97
C GLU C 136 -44.68 -21.41 -13.82
N VAL C 137 -44.37 -22.16 -12.77
CA VAL C 137 -45.24 -22.30 -11.56
C VAL C 137 -45.51 -20.89 -11.00
N SER C 138 -44.47 -20.05 -10.90
CA SER C 138 -44.54 -18.67 -10.36
C SER C 138 -45.50 -17.80 -11.17
N LYS C 139 -45.80 -18.17 -12.42
CA LYS C 139 -46.66 -17.40 -13.37
C LYS C 139 -48.10 -17.96 -13.39
N THR C 140 -48.32 -19.16 -12.85
CA THR C 140 -49.68 -19.74 -12.62
C THR C 140 -50.37 -18.98 -11.48
N PRO C 141 -51.70 -19.11 -11.30
CA PRO C 141 -52.37 -18.53 -10.14
C PRO C 141 -52.05 -19.29 -8.84
N LYS C 142 -51.70 -18.55 -7.78
CA LYS C 142 -51.35 -19.10 -6.44
C LYS C 142 -52.64 -19.47 -5.69
N GLU C 143 -53.04 -20.74 -5.76
CA GLU C 143 -54.22 -21.31 -5.03
C GLU C 143 -53.73 -21.90 -3.69
N ILE C 144 -53.93 -21.18 -2.58
CA ILE C 144 -53.55 -21.61 -1.20
C ILE C 144 -54.42 -22.81 -0.80
N LYS C 145 -53.80 -23.98 -0.56
CA LYS C 145 -54.48 -25.23 -0.13
C LYS C 145 -54.33 -25.42 1.39
N ASN C 146 -53.32 -24.83 2.03
CA ASN C 146 -53.11 -24.92 3.49
C ASN C 146 -52.07 -23.88 3.94
N LEU C 147 -51.82 -23.82 5.26
CA LEU C 147 -51.04 -22.74 5.91
C LEU C 147 -49.53 -23.00 5.74
N VAL C 148 -49.05 -24.19 6.12
CA VAL C 148 -47.61 -24.56 6.17
C VAL C 148 -47.37 -25.88 5.43
N TYR C 149 -46.32 -25.95 4.62
CA TYR C 149 -45.87 -27.16 3.90
C TYR C 149 -44.64 -27.77 4.59
N ASN C 151 -41.91 -30.82 4.12
CA ASN C 151 -41.33 -31.78 3.20
C ASN C 151 -39.80 -31.67 3.30
N ILE C 152 -39.22 -32.36 4.28
CA ILE C 152 -37.78 -32.24 4.68
C ILE C 152 -37.20 -33.64 4.96
N THR C 153 -35.92 -33.84 4.62
CA THR C 153 -35.12 -35.03 5.00
C THR C 153 -34.57 -34.80 6.42
N VAL C 154 -35.14 -35.47 7.42
CA VAL C 154 -34.87 -35.20 8.87
C VAL C 154 -33.39 -35.49 9.17
N LYS C 155 -32.86 -36.56 8.58
CA LYS C 155 -31.51 -37.13 8.81
C LYS C 155 -30.41 -36.09 8.52
N ASN C 156 -30.67 -35.10 7.67
CA ASN C 156 -29.65 -34.09 7.26
C ASN C 156 -29.31 -33.14 8.43
N PHE C 157 -30.24 -32.87 9.36
CA PHE C 157 -29.93 -32.10 10.60
C PHE C 157 -31.00 -32.33 11.68
N PRO C 158 -31.01 -33.52 12.32
CA PRO C 158 -32.13 -33.93 13.18
C PRO C 158 -32.40 -33.05 14.41
N GLU C 159 -31.36 -32.41 14.95
CA GLU C 159 -31.46 -31.50 16.13
C GLU C 159 -32.62 -30.51 15.93
N GLU C 160 -32.77 -29.99 14.71
CA GLU C 160 -33.90 -29.09 14.34
C GLU C 160 -35.01 -29.88 13.66
N ARG C 161 -34.67 -30.69 12.65
CA ARG C 161 -35.67 -31.30 11.72
C ARG C 161 -36.53 -32.34 12.45
N GLN C 162 -35.98 -33.08 13.41
CA GLN C 162 -36.76 -34.11 14.16
C GLN C 162 -37.84 -33.41 15.00
N ARG C 163 -37.53 -32.25 15.59
CA ARG C 163 -38.49 -31.45 16.40
C ARG C 163 -39.67 -31.04 15.51
N ILE C 164 -39.41 -30.62 14.28
CA ILE C 164 -40.47 -30.13 13.34
C ILE C 164 -41.46 -31.27 13.09
N VAL C 165 -40.95 -32.44 12.71
CA VAL C 165 -41.75 -33.65 12.38
C VAL C 165 -42.51 -34.10 13.64
N ASP C 166 -41.79 -34.26 14.75
CA ASP C 166 -42.36 -34.69 16.05
C ASP C 166 -43.51 -33.75 16.45
N LEU C 167 -43.32 -32.43 16.33
CA LEU C 167 -44.25 -31.43 16.91
C LEU C 167 -45.46 -31.19 15.99
N TYR C 168 -45.29 -31.22 14.67
CA TYR C 168 -46.25 -30.57 13.74
C TYR C 168 -46.81 -31.52 12.68
N SER C 169 -46.38 -32.78 12.61
CA SER C 169 -46.80 -33.72 11.53
C SER C 169 -48.32 -33.89 11.50
N ASP C 170 -48.99 -33.94 12.66
CA ASP C 170 -50.42 -34.32 12.78
C ASP C 170 -51.32 -33.08 12.90
N LYS C 171 -50.81 -31.88 12.60
CA LYS C 171 -51.60 -30.62 12.66
C LYS C 171 -52.42 -30.48 11.36
N SER C 172 -53.63 -29.96 11.47
CA SER C 172 -54.60 -29.78 10.34
C SER C 172 -54.11 -28.67 9.42
N TRP C 173 -53.40 -27.68 9.97
CA TRP C 173 -52.88 -26.50 9.23
C TRP C 173 -51.52 -26.83 8.59
N VAL C 174 -51.09 -28.09 8.66
CA VAL C 174 -49.81 -28.58 8.07
C VAL C 174 -50.12 -29.60 6.97
N THR C 175 -49.50 -29.41 5.79
CA THR C 175 -49.45 -30.42 4.68
C THR C 175 -48.10 -31.14 4.74
N ILE C 176 -48.11 -32.47 4.83
CA ILE C 176 -46.91 -33.35 4.73
C ILE C 176 -46.73 -33.77 3.27
N GLY C 177 -45.62 -33.38 2.64
CA GLY C 177 -45.18 -33.88 1.32
C GLY C 177 -44.13 -34.97 1.49
N LYS C 178 -44.31 -36.11 0.85
CA LYS C 178 -43.36 -37.25 0.91
C LYS C 178 -42.25 -37.00 -0.12
N GLY C 179 -41.00 -37.24 0.27
CA GLY C 179 -39.80 -36.92 -0.53
C GLY C 179 -39.71 -37.79 -1.77
N GLU C 180 -39.76 -37.17 -2.96
CA GLU C 180 -39.56 -37.84 -4.28
C GLU C 180 -38.81 -36.87 -5.19
N VAL C 181 -37.64 -37.29 -5.71
CA VAL C 181 -36.71 -36.41 -6.49
C VAL C 181 -36.62 -36.91 -7.94
N SER C 182 -37.69 -37.51 -8.46
CA SER C 182 -37.96 -37.68 -9.91
C SER C 182 -38.48 -36.35 -10.46
N GLU C 183 -38.57 -36.21 -11.79
CA GLU C 183 -39.02 -34.97 -12.47
C GLU C 183 -40.43 -34.58 -12.00
N GLU C 184 -41.31 -35.56 -11.79
CA GLU C 184 -42.74 -35.33 -11.41
C GLU C 184 -42.80 -34.98 -9.91
N GLY C 185 -41.94 -35.59 -9.09
CA GLY C 185 -41.78 -35.25 -7.67
C GLY C 185 -41.34 -33.80 -7.50
N HIS C 186 -40.35 -33.36 -8.26
CA HIS C 186 -39.81 -31.97 -8.26
C HIS C 186 -40.92 -30.99 -8.68
N ARG C 187 -41.65 -31.33 -9.76
CA ARG C 187 -42.83 -30.58 -10.25
C ARG C 187 -43.86 -30.44 -9.12
N LYS C 188 -44.24 -31.56 -8.50
CA LYS C 188 -45.25 -31.62 -7.41
C LYS C 188 -44.76 -30.77 -6.23
N PHE C 189 -43.52 -31.03 -5.79
CA PHE C 189 -42.83 -30.31 -4.69
C PHE C 189 -43.02 -28.79 -4.88
N LEU C 190 -42.73 -28.29 -6.08
CA LEU C 190 -42.83 -26.84 -6.40
C LEU C 190 -44.29 -26.38 -6.37
N GLU C 191 -45.23 -27.22 -6.82
CA GLU C 191 -46.68 -26.88 -6.86
C GLU C 191 -47.22 -26.82 -5.42
N ASP C 192 -46.94 -27.85 -4.62
CA ASP C 192 -47.22 -27.90 -3.16
C ASP C 192 -46.72 -26.63 -2.48
N TYR C 194 -45.90 -23.77 -3.77
CA TYR C 194 -46.62 -22.62 -4.29
C TYR C 194 -47.98 -22.49 -3.60
N ALA C 195 -48.61 -23.63 -3.27
CA ALA C 195 -49.98 -23.74 -2.73
C ALA C 195 -50.05 -23.52 -1.21
N HIS C 196 -49.00 -22.95 -0.60
CA HIS C 196 -48.97 -22.69 0.86
C HIS C 196 -48.46 -21.27 1.13
N LYS C 197 -48.86 -20.70 2.26
CA LYS C 197 -48.38 -19.38 2.73
C LYS C 197 -46.95 -19.53 3.24
N PHE C 198 -46.65 -20.65 3.91
CA PHE C 198 -45.34 -20.93 4.56
C PHE C 198 -44.85 -22.32 4.20
N CYS C 199 -43.54 -22.54 4.32
CA CYS C 199 -42.92 -23.89 4.40
C CYS C 199 -41.90 -23.89 5.55
N PHE C 200 -41.80 -25.01 6.25
CA PHE C 200 -40.67 -25.34 7.15
C PHE C 200 -39.40 -25.40 6.28
N ALA C 201 -38.46 -24.51 6.53
CA ALA C 201 -37.17 -24.40 5.79
C ALA C 201 -36.01 -24.47 6.78
N PRO C 202 -35.93 -25.51 7.64
CA PRO C 202 -34.84 -25.66 8.58
C PRO C 202 -33.50 -25.91 7.87
N ARG C 203 -32.39 -25.56 8.52
CA ARG C 203 -31.02 -25.79 8.00
C ARG C 203 -30.82 -27.30 7.76
N GLY C 204 -29.82 -27.64 6.94
CA GLY C 204 -29.39 -29.02 6.70
C GLY C 204 -27.96 -29.22 7.15
N ASN C 205 -27.23 -30.07 6.42
CA ASN C 205 -25.79 -30.31 6.68
C ASN C 205 -25.05 -28.97 6.58
N GLY C 206 -25.31 -28.23 5.50
CA GLY C 206 -24.97 -26.79 5.36
C GLY C 206 -26.09 -25.93 5.92
N ILE C 207 -25.76 -24.75 6.43
CA ILE C 207 -26.74 -23.89 7.17
C ILE C 207 -27.79 -23.42 6.16
N ASP C 208 -27.34 -22.84 5.03
CA ASP C 208 -28.21 -22.36 3.93
C ASP C 208 -28.76 -23.58 3.17
N THR C 209 -30.00 -23.49 2.69
CA THR C 209 -30.70 -24.59 1.98
C THR C 209 -31.34 -24.03 0.71
N HIS C 210 -31.46 -24.86 -0.33
CA HIS C 210 -32.14 -24.54 -1.60
C HIS C 210 -33.61 -24.19 -1.31
N ARG C 211 -34.21 -24.89 -0.34
CA ARG C 211 -35.64 -24.79 0.05
C ARG C 211 -36.01 -23.36 0.44
N LEU C 212 -35.13 -22.66 1.18
CA LEU C 212 -35.34 -21.25 1.61
C LEU C 212 -35.62 -20.39 0.37
N TRP C 213 -34.84 -20.59 -0.70
CA TRP C 213 -34.86 -19.75 -1.92
C TRP C 213 -35.96 -20.20 -2.86
N GLU C 214 -36.18 -21.52 -2.98
CA GLU C 214 -37.31 -22.12 -3.72
C GLU C 214 -38.62 -21.51 -3.21
N SER C 215 -38.74 -21.36 -1.88
CA SER C 215 -39.89 -20.74 -1.17
C SER C 215 -40.06 -19.29 -1.63
N LEU C 216 -39.01 -18.47 -1.56
CA LEU C 216 -39.03 -17.02 -1.84
C LEU C 216 -39.31 -16.75 -3.33
N TYR C 217 -38.83 -17.60 -4.24
CA TYR C 217 -39.10 -17.50 -5.70
C TYR C 217 -40.57 -17.81 -5.99
N LEU C 218 -41.18 -18.66 -5.16
CA LEU C 218 -42.63 -19.02 -5.26
C LEU C 218 -43.47 -18.12 -4.33
N ARG C 219 -42.90 -17.02 -3.84
CA ARG C 219 -43.59 -15.98 -3.00
C ARG C 219 -44.27 -16.65 -1.79
N THR C 220 -43.70 -17.77 -1.32
CA THR C 220 -44.06 -18.49 -0.07
C THR C 220 -43.05 -18.09 1.01
N ILE C 221 -43.49 -17.95 2.26
CA ILE C 221 -42.62 -17.50 3.39
C ILE C 221 -41.94 -18.73 3.98
N PRO C 222 -40.60 -18.86 3.85
CA PRO C 222 -39.88 -19.95 4.50
C PRO C 222 -39.68 -19.64 5.99
N ILE C 223 -39.89 -20.63 6.86
CA ILE C 223 -39.63 -20.53 8.33
C ILE C 223 -38.23 -21.10 8.59
N VAL C 224 -37.32 -20.26 9.10
CA VAL C 224 -35.86 -20.56 9.26
C VAL C 224 -35.43 -20.17 10.69
N LYS C 225 -34.67 -21.05 11.36
CA LYS C 225 -34.10 -20.75 12.69
C LYS C 225 -33.00 -19.68 12.53
N LYS C 226 -32.99 -18.67 13.40
CA LYS C 226 -32.00 -17.57 13.42
C LYS C 226 -30.59 -18.17 13.47
N HIS C 227 -29.70 -17.66 12.62
CA HIS C 227 -28.28 -18.06 12.54
C HIS C 227 -27.49 -16.87 11.98
N ILE C 228 -26.21 -16.75 12.33
CA ILE C 228 -25.34 -15.65 11.82
C ILE C 228 -25.26 -15.76 10.28
N ALA C 229 -25.35 -16.97 9.72
CA ALA C 229 -25.37 -17.25 8.27
C ALA C 229 -26.61 -16.64 7.61
N GLU C 231 -28.19 -13.71 8.96
CA GLU C 231 -28.44 -12.41 9.58
C GLU C 231 -28.44 -11.26 8.56
N GLN C 232 -27.83 -11.45 7.38
CA GLN C 232 -27.77 -10.39 6.33
C GLN C 232 -28.96 -10.56 5.38
N PHE C 233 -29.89 -11.48 5.70
CA PHE C 233 -31.12 -11.75 4.90
C PHE C 233 -32.38 -11.28 5.64
N THR C 234 -32.23 -10.42 6.67
CA THR C 234 -33.36 -9.93 7.50
C THR C 234 -34.18 -8.88 6.71
N ASP C 235 -33.65 -8.38 5.59
CA ASP C 235 -34.37 -7.47 4.67
C ASP C 235 -35.01 -8.29 3.53
N LEU C 236 -35.15 -9.61 3.71
CA LEU C 236 -35.95 -10.52 2.84
C LEU C 236 -37.09 -11.12 3.66
N PRO C 237 -38.23 -11.51 3.04
CA PRO C 237 -39.41 -11.95 3.77
C PRO C 237 -39.34 -13.39 4.30
N ILE C 238 -38.39 -13.61 5.21
CA ILE C 238 -38.15 -14.92 5.89
C ILE C 238 -38.70 -14.80 7.32
N LEU C 239 -39.49 -15.78 7.76
CA LEU C 239 -39.94 -15.84 9.18
C LEU C 239 -38.82 -16.49 10.00
N PHE C 240 -38.04 -15.68 10.70
CA PHE C 240 -36.89 -16.12 11.52
C PHE C 240 -37.41 -16.47 12.92
N VAL C 241 -37.06 -17.66 13.41
CA VAL C 241 -37.55 -18.20 14.72
C VAL C 241 -36.35 -18.41 15.65
N ASN C 242 -36.58 -18.23 16.95
CA ASN C 242 -35.58 -18.48 18.03
C ASN C 242 -35.40 -19.98 18.26
N ASP C 243 -36.49 -20.74 18.13
CA ASP C 243 -36.58 -22.21 18.35
C ASP C 243 -37.76 -22.75 17.53
N TRP C 244 -38.01 -24.06 17.59
CA TRP C 244 -39.05 -24.74 16.76
C TRP C 244 -40.29 -25.07 17.59
N GLU C 245 -40.41 -24.51 18.80
CA GLU C 245 -41.48 -24.88 19.75
C GLU C 245 -42.57 -23.80 19.77
N ASN C 246 -43.83 -24.23 19.79
CA ASN C 246 -45.04 -23.39 20.00
C ASN C 246 -45.33 -22.56 18.74
N ILE C 247 -45.08 -23.11 17.57
CA ILE C 247 -45.71 -22.63 16.30
C ILE C 247 -47.17 -23.09 16.37
N THR C 248 -48.10 -22.15 16.27
CA THR C 248 -49.56 -22.37 16.26
C THR C 248 -50.15 -21.74 14.99
N GLU C 249 -51.37 -22.13 14.64
CA GLU C 249 -52.16 -21.55 13.53
C GLU C 249 -52.24 -20.02 13.73
N GLU C 250 -52.53 -19.56 14.94
CA GLU C 250 -52.74 -18.12 15.27
C GLU C 250 -51.44 -17.35 15.07
N TYR C 251 -50.31 -17.89 15.56
CA TYR C 251 -48.98 -17.28 15.40
C TYR C 251 -48.71 -17.05 13.91
N LEU C 252 -48.91 -18.07 13.08
CA LEU C 252 -48.57 -18.04 11.63
C LEU C 252 -49.50 -17.10 10.88
N ASN C 253 -50.80 -17.14 11.19
CA ASN C 253 -51.81 -16.23 10.59
C ASN C 253 -51.35 -14.78 10.79
N GLU C 254 -50.92 -14.42 11.99
CA GLU C 254 -50.49 -13.04 12.33
C GLU C 254 -49.19 -12.69 11.60
N GLN C 255 -48.20 -13.60 11.63
CA GLN C 255 -46.88 -13.40 10.97
C GLN C 255 -47.08 -13.18 9.47
N TYR C 256 -48.01 -13.93 8.85
CA TYR C 256 -48.39 -13.77 7.42
C TYR C 256 -48.72 -12.30 7.14
N ASP C 257 -49.68 -11.75 7.88
CA ASP C 257 -50.23 -10.39 7.66
C ASP C 257 -49.11 -9.36 7.85
N ILE C 258 -48.28 -9.51 8.89
CA ILE C 258 -47.17 -8.57 9.20
C ILE C 258 -46.14 -8.60 8.05
N ILE C 259 -45.76 -9.80 7.58
CA ILE C 259 -44.69 -9.99 6.54
C ILE C 259 -45.18 -9.43 5.21
N ALA C 261 -47.28 -7.25 4.44
CA ALA C 261 -47.55 -5.82 4.39
C ALA C 261 -46.24 -5.01 4.42
N LYS C 262 -45.10 -5.64 4.70
CA LYS C 262 -43.80 -4.94 4.86
C LYS C 262 -43.14 -4.75 3.50
N ASP C 263 -42.21 -3.78 3.40
CA ASP C 263 -41.32 -3.55 2.24
C ASP C 263 -40.09 -4.43 2.40
N TRP C 264 -39.68 -5.15 1.34
CA TRP C 264 -38.55 -6.10 1.33
C TRP C 264 -37.58 -5.76 0.19
N ASN C 265 -36.29 -6.00 0.40
CA ASN C 265 -35.21 -5.77 -0.61
C ASN C 265 -35.15 -7.00 -1.53
N LEU C 266 -36.19 -7.20 -2.36
CA LEU C 266 -36.40 -8.43 -3.18
C LEU C 266 -35.48 -8.46 -4.40
N ASP C 267 -34.74 -7.37 -4.69
CA ASP C 267 -33.71 -7.34 -5.76
C ASP C 267 -32.52 -8.24 -5.36
N LYS C 268 -32.34 -8.50 -4.06
CA LYS C 268 -31.34 -9.45 -3.51
C LYS C 268 -31.62 -10.88 -4.00
N LEU C 269 -32.81 -11.16 -4.53
CA LEU C 269 -33.20 -12.49 -5.07
C LEU C 269 -32.78 -12.64 -6.54
N LYS C 270 -32.29 -11.56 -7.16
CA LYS C 270 -31.96 -11.55 -8.61
C LYS C 270 -30.44 -11.55 -8.76
N ILE C 271 -29.90 -12.45 -9.60
CA ILE C 271 -28.44 -12.66 -9.79
C ILE C 271 -27.76 -11.34 -10.15
N ASP C 272 -28.46 -10.45 -10.86
CA ASP C 272 -27.94 -9.15 -11.36
C ASP C 272 -27.42 -8.34 -10.16
N TYR C 273 -28.12 -8.37 -9.03
CA TYR C 273 -27.74 -7.67 -7.77
C TYR C 273 -26.32 -8.09 -7.34
N TRP C 274 -25.99 -9.37 -7.49
CA TRP C 274 -24.73 -9.95 -6.95
C TRP C 274 -23.58 -9.74 -7.93
N TYR C 275 -23.83 -9.86 -9.24
CA TYR C 275 -22.89 -9.41 -10.31
C TYR C 275 -22.39 -8.01 -9.99
N GLN C 276 -23.34 -7.10 -9.70
CA GLN C 276 -23.10 -5.66 -9.41
C GLN C 276 -22.17 -5.54 -8.20
N LYS C 277 -22.56 -6.16 -7.07
CA LYS C 277 -21.81 -6.16 -5.79
C LYS C 277 -20.36 -6.62 -6.02
N ILE C 278 -20.17 -7.72 -6.74
CA ILE C 278 -18.81 -8.27 -7.05
C ILE C 278 -18.03 -7.21 -7.85
N LEU C 279 -18.69 -6.59 -8.84
CA LEU C 279 -18.08 -5.54 -9.72
C LEU C 279 -17.67 -4.35 -8.85
N GLU C 280 -18.62 -3.85 -8.04
CA GLU C 280 -18.44 -2.67 -7.13
C GLU C 280 -17.16 -2.81 -6.29
N TYR C 281 -16.89 -4.01 -5.75
CA TYR C 281 -15.79 -4.27 -4.79
C TYR C 281 -14.51 -4.69 -5.52
N SER C 282 -14.59 -4.97 -6.82
CA SER C 282 -13.44 -5.37 -7.69
C SER C 282 -12.85 -4.12 -8.37
N SER D 3 -27.49 1.75 -3.03
CA SER D 3 -26.68 1.40 -1.82
C SER D 3 -25.22 1.76 -2.03
N LYS D 5 -21.84 4.86 -2.07
CA LYS D 5 -21.15 5.84 -1.24
C LYS D 5 -21.49 7.24 -1.75
N LEU D 6 -21.46 8.23 -0.86
CA LEU D 6 -21.76 9.65 -1.16
C LEU D 6 -20.78 10.20 -2.19
N ALA D 7 -19.53 9.72 -2.18
CA ALA D 7 -18.45 10.17 -3.09
C ALA D 7 -18.74 9.76 -4.54
N GLU D 8 -19.53 8.69 -4.75
CA GLU D 8 -19.81 8.09 -6.09
C GLU D 8 -21.13 8.63 -6.66
N LEU D 9 -21.74 9.62 -6.02
CA LEU D 9 -23.04 10.19 -6.43
C LEU D 9 -22.91 10.77 -7.85
N THR D 10 -23.71 10.26 -8.79
CA THR D 10 -23.79 10.73 -10.20
C THR D 10 -25.19 11.30 -10.42
N LEU D 11 -25.28 12.51 -11.01
CA LEU D 11 -26.54 13.25 -11.26
C LEU D 11 -26.66 13.57 -12.74
N GLU D 12 -27.85 13.36 -13.32
CA GLU D 12 -28.27 13.93 -14.63
C GLU D 12 -29.18 15.12 -14.37
N SER D 13 -29.37 15.99 -15.37
CA SER D 13 -30.00 17.33 -15.26
C SER D 13 -31.46 17.22 -14.84
N ASP D 14 -32.08 16.05 -15.00
CA ASP D 14 -33.53 15.81 -14.68
C ASP D 14 -33.67 14.93 -13.43
N ASP D 15 -32.62 14.79 -12.61
CA ASP D 15 -32.63 13.96 -11.37
C ASP D 15 -33.12 14.79 -10.17
N PHE D 16 -32.83 16.10 -10.18
CA PHE D 16 -33.04 17.03 -9.03
C PHE D 16 -34.51 17.01 -8.59
N ILE D 17 -34.73 16.87 -7.29
CA ILE D 17 -36.09 16.92 -6.66
C ILE D 17 -36.48 18.39 -6.53
N THR D 18 -37.68 18.73 -7.01
CA THR D 18 -38.41 19.98 -6.75
C THR D 18 -39.88 19.62 -6.53
N SER D 19 -40.61 20.42 -5.75
CA SER D 19 -42.05 20.19 -5.51
C SER D 19 -42.82 20.41 -6.82
N ASP D 20 -42.36 21.33 -7.68
CA ASP D 20 -42.95 21.56 -9.03
C ASP D 20 -42.99 20.26 -9.84
N LYS D 21 -41.94 19.44 -9.79
CA LYS D 21 -41.86 18.15 -10.53
C LYS D 21 -42.94 17.19 -10.04
N LEU D 22 -43.22 17.16 -8.73
CA LEU D 22 -44.24 16.26 -8.14
C LEU D 22 -45.65 16.76 -8.47
N PHE D 23 -45.87 18.08 -8.44
CA PHE D 23 -47.16 18.70 -8.85
C PHE D 23 -47.46 18.31 -10.30
N ASN D 24 -46.47 18.48 -11.18
CA ASN D 24 -46.58 18.20 -12.64
C ASN D 24 -46.88 16.72 -12.85
N PHE D 25 -46.17 15.83 -12.16
CA PHE D 25 -46.38 14.35 -12.21
C PHE D 25 -47.86 14.05 -11.89
N CYS D 26 -48.37 14.59 -10.79
CA CYS D 26 -49.77 14.41 -10.33
C CYS D 26 -50.75 15.01 -11.35
N LYS D 27 -50.36 16.11 -12.01
CA LYS D 27 -51.21 16.84 -12.99
C LYS D 27 -51.51 15.93 -14.18
N SER D 28 -50.50 15.21 -14.68
CA SER D 28 -50.61 14.22 -15.80
C SER D 28 -50.16 12.83 -15.34
N THR D 29 -50.98 12.15 -14.55
CA THR D 29 -50.80 10.74 -14.10
C THR D 29 -52.06 9.94 -14.47
N PHE D 31 -52.42 6.68 -11.43
CA PHE D 31 -53.50 7.63 -11.79
C PHE D 31 -54.26 8.04 -10.52
N GLY D 32 -54.84 9.26 -10.53
CA GLY D 32 -55.75 9.74 -9.47
C GLY D 32 -55.04 10.48 -8.35
N ALA D 33 -53.70 10.46 -8.31
CA ALA D 33 -52.88 11.19 -7.32
C ALA D 33 -53.14 12.71 -7.44
N LYS D 34 -53.47 13.35 -6.32
CA LYS D 34 -53.84 14.79 -6.25
C LYS D 34 -52.77 15.54 -5.43
N TYR D 35 -52.17 16.58 -6.02
CA TYR D 35 -51.25 17.51 -5.34
C TYR D 35 -52.04 18.74 -4.88
N VAL D 36 -52.00 19.05 -3.58
CA VAL D 36 -52.65 20.24 -2.99
C VAL D 36 -51.59 21.05 -2.25
N LYS D 37 -51.44 22.34 -2.58
CA LYS D 37 -50.61 23.29 -1.80
C LYS D 37 -51.11 23.24 -0.34
N THR D 38 -50.20 23.12 0.64
CA THR D 38 -50.56 22.76 2.03
C THR D 38 -51.54 23.79 2.64
N ASP D 39 -51.51 25.05 2.18
CA ASP D 39 -52.40 26.12 2.72
C ASP D 39 -53.87 25.67 2.63
N PHE D 40 -54.24 25.00 1.54
CA PHE D 40 -55.64 24.63 1.21
C PHE D 40 -56.08 23.42 2.04
N ILE D 41 -55.11 22.67 2.61
CA ILE D 41 -55.38 21.62 3.65
C ILE D 41 -55.58 22.31 5.00
N LYS D 42 -54.60 23.11 5.43
CA LYS D 42 -54.62 23.77 6.77
C LYS D 42 -55.88 24.63 6.94
N PHE D 43 -56.28 25.39 5.90
CA PHE D 43 -57.40 26.36 5.98
C PHE D 43 -58.61 25.84 5.18
N ARG D 44 -58.84 24.52 5.20
CA ARG D 44 -59.98 23.87 4.52
C ARG D 44 -61.29 24.36 5.16
N GLN D 45 -62.30 24.59 4.34
CA GLN D 45 -63.66 25.05 4.76
C GLN D 45 -64.63 23.86 4.68
N TYR D 46 -64.14 22.72 4.18
CA TYR D 46 -64.85 21.41 4.18
C TYR D 46 -63.88 20.38 4.73
N GLN D 47 -64.39 19.35 5.38
CA GLN D 47 -63.55 18.29 5.99
C GLN D 47 -62.74 17.59 4.88
N TYR D 48 -63.40 17.19 3.80
CA TYR D 48 -62.83 16.27 2.77
C TYR D 48 -62.87 16.89 1.37
N ILE D 49 -63.07 18.20 1.26
CA ILE D 49 -63.13 18.91 -0.06
C ILE D 49 -62.19 20.11 -0.01
N VAL D 50 -61.25 20.16 -0.95
CA VAL D 50 -60.22 21.23 -1.04
C VAL D 50 -60.01 21.56 -2.52
N SER D 51 -59.33 22.67 -2.79
CA SER D 51 -58.98 23.16 -4.15
C SER D 51 -57.74 24.04 -4.06
N ASN D 52 -56.90 24.02 -5.09
CA ASN D 52 -55.70 24.88 -5.23
C ASN D 52 -56.15 26.31 -5.59
N CYS D 53 -57.42 26.50 -5.95
CA CYS D 53 -58.11 27.82 -6.09
C CYS D 53 -57.37 28.70 -7.09
N GLY D 54 -56.85 28.12 -8.17
CA GLY D 54 -56.15 28.87 -9.25
C GLY D 54 -54.64 28.79 -9.13
N TRP D 55 -54.10 28.47 -7.95
CA TRP D 55 -52.64 28.24 -7.77
C TRP D 55 -52.16 27.26 -8.84
N ARG D 56 -51.05 27.58 -9.52
CA ARG D 56 -50.48 26.78 -10.64
C ARG D 56 -51.57 26.49 -11.68
N ASP D 57 -52.51 27.43 -11.83
CA ASP D 57 -53.65 27.39 -12.77
C ASP D 57 -54.49 26.11 -12.56
N ASP D 58 -54.57 25.62 -11.31
CA ASP D 58 -55.41 24.46 -10.92
C ASP D 58 -56.65 24.99 -10.17
N THR D 59 -57.80 25.01 -10.85
CA THR D 59 -59.11 25.42 -10.29
C THR D 59 -59.96 24.19 -9.97
N ASP D 60 -59.47 22.97 -10.21
CA ASP D 60 -60.19 21.70 -9.94
C ASP D 60 -60.55 21.63 -8.45
N VAL D 61 -61.76 21.15 -8.15
CA VAL D 61 -62.20 20.82 -6.77
C VAL D 61 -61.83 19.36 -6.50
N VAL D 62 -61.09 19.12 -5.42
CA VAL D 62 -60.56 17.78 -5.05
C VAL D 62 -61.44 17.22 -3.95
N PHE D 63 -62.01 16.04 -4.20
CA PHE D 63 -62.84 15.27 -3.24
C PHE D 63 -61.95 14.15 -2.68
N LEU D 64 -61.44 14.33 -1.47
CA LEU D 64 -60.35 13.52 -0.88
C LEU D 64 -60.80 12.08 -0.60
N GLU D 65 -62.12 11.84 -0.55
CA GLU D 65 -62.68 10.48 -0.34
C GLU D 65 -62.60 9.67 -1.65
N ASN D 66 -62.29 10.32 -2.78
CA ASN D 66 -62.18 9.67 -4.12
C ASN D 66 -60.71 9.62 -4.57
N THR D 67 -59.75 9.97 -3.70
CA THR D 67 -58.30 10.00 -4.03
C THR D 67 -57.60 8.82 -3.35
N PRO D 68 -56.81 8.01 -4.11
CA PRO D 68 -55.96 6.99 -3.50
C PRO D 68 -54.70 7.57 -2.85
N VAL D 69 -54.11 8.62 -3.45
CA VAL D 69 -52.83 9.25 -3.00
C VAL D 69 -52.99 10.77 -2.96
N LEU D 70 -52.73 11.38 -1.79
CA LEU D 70 -52.61 12.84 -1.59
C LEU D 70 -51.12 13.20 -1.54
N VAL D 71 -50.72 14.26 -2.25
CA VAL D 71 -49.37 14.90 -2.18
C VAL D 71 -49.56 16.37 -1.78
N THR D 72 -48.79 16.86 -0.81
CA THR D 72 -48.84 18.27 -0.33
C THR D 72 -47.43 18.84 -0.22
N GLY D 73 -47.29 20.14 -0.47
CA GLY D 73 -46.01 20.87 -0.39
C GLY D 73 -46.19 22.30 -0.85
N HIS D 74 -45.10 22.93 -1.32
CA HIS D 74 -45.01 24.38 -1.65
C HIS D 74 -45.47 25.22 -0.45
N SER D 75 -45.09 24.83 0.77
CA SER D 75 -45.51 25.53 2.01
C SER D 75 -44.63 25.13 3.18
N ASP D 76 -44.34 26.09 4.06
CA ASP D 76 -43.64 25.88 5.35
C ASP D 76 -44.52 25.08 6.31
N TYR D 77 -45.83 24.98 6.06
CA TYR D 77 -46.79 24.29 6.96
C TYR D 77 -46.45 22.79 7.04
N ASP D 78 -46.72 22.19 8.20
CA ASP D 78 -46.49 20.74 8.45
C ASP D 78 -47.81 19.98 8.33
N ILE D 79 -47.72 18.66 8.23
CA ILE D 79 -48.85 17.70 8.37
C ILE D 79 -48.79 17.14 9.80
N SER D 80 -49.83 17.36 10.59
CA SER D 80 -49.88 17.09 12.05
C SER D 80 -51.16 16.30 12.41
N GLU D 81 -51.44 16.15 13.70
CA GLU D 81 -52.68 15.53 14.25
C GLU D 81 -53.91 16.32 13.78
N ARG D 82 -53.76 17.59 13.41
CA ARG D 82 -54.86 18.43 12.85
C ARG D 82 -55.41 17.80 11.56
N GLU D 83 -54.62 16.98 10.86
CA GLU D 83 -55.01 16.37 9.55
C GLU D 83 -55.39 14.90 9.74
N ILE D 84 -55.58 14.43 10.98
CA ILE D 84 -55.78 12.98 11.30
C ILE D 84 -57.05 12.46 10.62
N ASP D 85 -58.09 13.30 10.53
CA ASP D 85 -59.40 12.93 9.92
C ASP D 85 -59.22 12.62 8.43
N ILE D 86 -58.35 13.35 7.73
CA ILE D 86 -58.03 13.08 6.29
C ILE D 86 -57.16 11.82 6.22
N ILE D 87 -56.13 11.72 7.08
CA ILE D 87 -55.18 10.56 7.13
C ILE D 87 -55.98 9.27 7.26
N ARG D 88 -57.06 9.28 8.07
CA ARG D 88 -57.85 8.08 8.44
C ARG D 88 -58.85 7.70 7.34
N LEU D 89 -58.98 8.47 6.26
CA LEU D 89 -59.82 8.09 5.09
C LEU D 89 -59.37 6.71 4.61
N PRO D 90 -60.27 5.70 4.56
CA PRO D 90 -59.91 4.36 4.10
C PRO D 90 -59.31 4.34 2.68
N ASN D 91 -59.88 5.14 1.78
CA ASN D 91 -59.50 5.22 0.34
C ASN D 91 -58.07 5.77 0.19
N ILE D 92 -57.57 6.53 1.16
CA ILE D 92 -56.21 7.15 1.09
C ILE D 92 -55.18 6.08 1.45
N ARG D 93 -54.41 5.61 0.45
CA ARG D 93 -53.33 4.60 0.60
C ARG D 93 -52.04 5.27 1.08
N ALA D 94 -51.75 6.49 0.64
CA ALA D 94 -50.53 7.23 1.02
C ALA D 94 -50.74 8.75 0.93
N TRP D 95 -50.25 9.46 1.94
CA TRP D 95 -50.07 10.94 1.94
C TRP D 95 -48.57 11.22 1.87
N PHE D 96 -48.08 11.60 0.69
CA PHE D 96 -46.70 12.13 0.48
C PHE D 96 -46.75 13.63 0.83
N CYS D 97 -45.87 14.09 1.72
CA CYS D 97 -45.89 15.48 2.22
C CYS D 97 -44.47 16.02 2.43
N GLN D 98 -44.32 17.34 2.31
CA GLN D 98 -43.21 18.10 2.95
C GLN D 98 -43.55 18.25 4.43
N ASN D 99 -42.55 18.25 5.29
CA ASN D 99 -42.68 18.64 6.72
C ASN D 99 -43.69 17.72 7.43
N ARG D 100 -43.46 16.41 7.34
CA ARG D 100 -44.17 15.36 8.11
C ARG D 100 -43.99 15.65 9.61
N ASN D 101 -45.08 15.77 10.37
CA ASN D 101 -45.04 16.12 11.81
C ASN D 101 -46.11 15.33 12.58
N ILE D 102 -46.38 14.10 12.14
CA ILE D 102 -47.23 13.11 12.85
C ILE D 102 -46.56 11.76 12.66
N PRO D 103 -46.36 10.97 13.75
CA PRO D 103 -45.76 9.64 13.63
C PRO D 103 -46.80 8.61 13.17
N HIS D 104 -47.28 8.74 11.93
CA HIS D 104 -48.36 7.91 11.32
C HIS D 104 -47.81 7.22 10.07
N PRO D 105 -47.97 5.88 9.94
CA PRO D 105 -47.34 5.14 8.85
C PRO D 105 -47.90 5.43 7.44
N LYS D 106 -49.12 5.96 7.34
CA LYS D 106 -49.76 6.37 6.06
C LYS D 106 -49.08 7.61 5.47
N VAL D 107 -48.42 8.42 6.32
CA VAL D 107 -47.82 9.71 5.90
C VAL D 107 -46.33 9.48 5.59
N ILE D 108 -45.93 9.79 4.36
CA ILE D 108 -44.56 9.51 3.81
C ILE D 108 -43.89 10.84 3.47
N SER D 109 -42.78 11.15 4.16
CA SER D 109 -41.94 12.33 3.88
CA SER D 109 -41.93 12.33 3.88
C SER D 109 -41.37 12.24 2.45
N PHE D 110 -41.33 13.36 1.74
CA PHE D 110 -40.56 13.48 0.47
C PHE D 110 -39.68 14.72 0.62
N PRO D 111 -38.43 14.68 0.10
CA PRO D 111 -37.49 15.79 0.25
C PRO D 111 -38.01 17.12 -0.31
N LEU D 112 -37.81 18.21 0.42
CA LEU D 112 -38.08 19.59 -0.07
C LEU D 112 -37.32 19.79 -1.39
N GLY D 113 -36.11 19.24 -1.48
CA GLY D 113 -35.22 19.38 -2.65
C GLY D 113 -34.88 20.83 -2.92
N ILE D 114 -34.81 21.20 -4.20
CA ILE D 114 -34.31 22.53 -4.65
C ILE D 114 -35.52 23.45 -4.90
N THR D 115 -35.31 24.74 -4.71
CA THR D 115 -36.25 25.85 -5.03
C THR D 115 -36.80 25.64 -6.45
N ASN D 116 -38.08 25.95 -6.63
CA ASN D 116 -38.76 25.87 -7.95
C ASN D 116 -38.37 27.10 -8.79
N LYS D 117 -37.55 26.89 -9.84
CA LYS D 117 -37.06 27.98 -10.72
C LYS D 117 -38.24 28.57 -11.52
N ASP D 118 -39.29 27.79 -11.76
CA ASP D 118 -40.44 28.16 -12.62
C ASP D 118 -41.54 28.85 -11.81
N GLU D 119 -41.28 29.18 -10.54
CA GLU D 119 -42.20 30.01 -9.72
C GLU D 119 -42.42 31.33 -10.47
N PRO D 120 -43.65 31.58 -11.00
CA PRO D 120 -43.90 32.75 -11.85
C PRO D 120 -43.51 34.11 -11.25
N ASN D 121 -42.80 34.93 -12.05
CA ASN D 121 -42.51 36.37 -11.79
C ASN D 121 -41.77 36.54 -10.46
N SER D 122 -40.89 35.60 -10.12
CA SER D 122 -40.03 35.63 -8.91
C SER D 122 -38.57 35.45 -9.31
N GLU D 123 -37.78 36.53 -9.25
CA GLU D 123 -36.36 36.57 -9.65
C GLU D 123 -35.57 35.62 -8.74
N ILE D 124 -35.77 35.72 -7.42
CA ILE D 124 -35.04 34.92 -6.39
C ILE D 124 -35.19 33.42 -6.72
N HIS D 125 -36.39 32.96 -7.08
CA HIS D 125 -36.70 31.56 -7.46
C HIS D 125 -35.90 31.17 -8.71
N ARG D 126 -35.90 32.04 -9.73
CA ARG D 126 -35.16 31.86 -11.00
C ARG D 126 -33.68 31.63 -10.71
N ILE D 127 -33.11 32.36 -9.75
CA ILE D 127 -31.67 32.32 -9.38
C ILE D 127 -31.38 31.06 -8.57
N ILE D 128 -31.91 30.93 -7.35
CA ILE D 128 -31.51 29.86 -6.38
C ILE D 128 -32.19 28.53 -6.76
N GLY D 129 -33.10 28.54 -7.73
CA GLY D 129 -33.70 27.33 -8.33
C GLY D 129 -32.92 26.81 -9.53
N ASN D 130 -31.78 27.43 -9.85
CA ASN D 130 -30.91 27.04 -11.00
C ASN D 130 -30.20 25.72 -10.66
N THR D 131 -30.79 24.58 -11.03
CA THR D 131 -30.25 23.21 -10.77
C THR D 131 -29.05 22.94 -11.69
N ASP D 132 -28.93 23.70 -12.79
CA ASP D 132 -27.78 23.62 -13.74
C ASP D 132 -26.51 24.12 -13.07
N ARG D 133 -26.57 25.22 -12.29
CA ARG D 133 -25.40 25.76 -11.55
C ARG D 133 -24.91 24.74 -10.52
N ILE D 134 -25.81 23.92 -9.96
CA ILE D 134 -25.47 22.86 -8.97
C ILE D 134 -24.74 21.74 -9.70
N LEU D 135 -25.28 21.30 -10.84
CA LEU D 135 -24.72 20.17 -11.65
C LEU D 135 -23.32 20.56 -12.13
N GLU D 136 -23.13 21.81 -12.55
CA GLU D 136 -21.81 22.38 -12.97
C GLU D 136 -20.80 22.21 -11.82
N VAL D 137 -21.10 22.80 -10.66
CA VAL D 137 -20.19 22.79 -9.47
C VAL D 137 -19.89 21.34 -9.07
N SER D 138 -20.86 20.43 -9.23
CA SER D 138 -20.75 18.99 -8.83
C SER D 138 -19.86 18.20 -9.81
N LYS D 139 -19.55 18.77 -10.98
CA LYS D 139 -18.72 18.12 -12.04
C LYS D 139 -17.27 18.64 -11.99
N THR D 140 -17.00 19.67 -11.18
CA THR D 140 -15.65 20.24 -10.93
C THR D 140 -14.89 19.36 -9.94
N PRO D 141 -13.55 19.51 -9.81
CA PRO D 141 -12.81 18.86 -8.73
C PRO D 141 -13.14 19.44 -7.34
N LYS D 142 -13.47 18.57 -6.39
CA LYS D 142 -13.88 18.93 -5.00
C LYS D 142 -12.62 19.23 -4.16
N GLU D 143 -12.20 20.49 -4.10
CA GLU D 143 -11.03 20.95 -3.31
C GLU D 143 -11.50 21.36 -1.91
N ILE D 144 -11.41 20.46 -0.93
CA ILE D 144 -11.78 20.72 0.49
C ILE D 144 -10.92 21.89 0.99
N LYS D 145 -11.54 23.02 1.34
CA LYS D 145 -10.87 24.24 1.86
C LYS D 145 -10.92 24.25 3.39
N ASN D 146 -11.99 23.69 3.98
CA ASN D 146 -12.16 23.64 5.46
C ASN D 146 -13.20 22.58 5.81
N LEU D 147 -13.45 22.39 7.12
CA LEU D 147 -14.20 21.23 7.67
C LEU D 147 -15.71 21.43 7.49
N VAL D 148 -16.24 22.58 7.90
CA VAL D 148 -17.71 22.84 7.90
C VAL D 148 -18.00 24.28 7.49
N TYR D 149 -19.02 24.47 6.66
CA TYR D 149 -19.47 25.77 6.09
C TYR D 149 -20.67 26.29 6.87
N ASN D 151 -23.43 29.35 6.71
CA ASN D 151 -24.05 30.42 5.94
C ASN D 151 -25.57 30.28 6.05
N ILE D 152 -26.15 30.87 7.10
CA ILE D 152 -27.57 30.66 7.50
C ILE D 152 -28.20 32.00 7.87
N THR D 153 -29.47 32.21 7.52
CA THR D 153 -30.29 33.35 7.99
C THR D 153 -30.81 32.99 9.39
N VAL D 154 -30.24 33.62 10.44
CA VAL D 154 -30.46 33.22 11.86
C VAL D 154 -31.93 33.44 12.25
N LYS D 155 -32.53 34.55 11.82
CA LYS D 155 -33.86 34.99 12.31
C LYS D 155 -34.96 34.05 11.78
N ASN D 156 -34.67 33.18 10.81
CA ASN D 156 -35.66 32.21 10.26
C ASN D 156 -35.99 31.12 11.29
N PHE D 157 -35.08 30.82 12.24
CA PHE D 157 -35.36 29.93 13.41
C PHE D 157 -34.26 30.07 14.47
N PRO D 158 -34.27 31.18 15.26
CA PRO D 158 -33.15 31.51 16.14
C PRO D 158 -32.82 30.52 17.26
N GLU D 159 -33.83 29.82 17.78
CA GLU D 159 -33.70 28.84 18.89
C GLU D 159 -32.55 27.87 18.59
N GLU D 160 -32.39 27.46 17.32
CA GLU D 160 -31.29 26.58 16.83
C GLU D 160 -30.18 27.45 16.22
N ARG D 161 -30.54 28.32 15.27
CA ARG D 161 -29.58 29.04 14.39
C ARG D 161 -28.73 30.03 15.21
N GLN D 162 -29.28 30.67 16.23
CA GLN D 162 -28.52 31.61 17.09
C GLN D 162 -27.42 30.84 17.83
N ARG D 163 -27.71 29.62 18.30
CA ARG D 163 -26.75 28.74 18.99
C ARG D 163 -25.59 28.39 18.06
N ILE D 164 -25.87 28.08 16.79
CA ILE D 164 -24.81 27.70 15.80
C ILE D 164 -23.84 28.88 15.66
N VAL D 165 -24.37 30.08 15.42
CA VAL D 165 -23.58 31.33 15.22
C VAL D 165 -22.80 31.64 16.51
N ASP D 166 -23.47 31.62 17.66
CA ASP D 166 -22.86 31.97 18.97
C ASP D 166 -21.70 31.00 19.28
N LEU D 167 -21.84 29.71 18.99
CA LEU D 167 -20.89 28.67 19.49
C LEU D 167 -19.68 28.51 18.57
N TYR D 168 -19.85 28.69 17.25
CA TYR D 168 -18.91 28.14 16.23
C TYR D 168 -18.39 29.19 15.24
N SER D 169 -18.85 30.44 15.30
CA SER D 169 -18.48 31.53 14.34
C SER D 169 -16.96 31.72 14.29
N ASP D 170 -16.27 31.56 15.42
CA ASP D 170 -14.85 31.97 15.62
C ASP D 170 -13.92 30.75 15.64
N LYS D 171 -14.37 29.59 15.16
CA LYS D 171 -13.55 28.35 15.09
C LYS D 171 -12.76 28.33 13.78
N SER D 172 -11.53 27.82 13.83
CA SER D 172 -10.58 27.74 12.69
C SER D 172 -11.08 26.72 11.66
N TRP D 173 -11.88 25.75 12.11
CA TRP D 173 -12.40 24.64 11.28
C TRP D 173 -13.76 25.00 10.66
N VAL D 174 -14.26 26.23 10.89
CA VAL D 174 -15.54 26.71 10.27
C VAL D 174 -15.21 27.89 9.34
N THR D 175 -15.76 27.86 8.12
CA THR D 175 -15.79 29.02 7.19
C THR D 175 -17.17 29.68 7.30
N ILE D 176 -17.20 30.99 7.57
CA ILE D 176 -18.42 31.84 7.49
C ILE D 176 -18.58 32.31 6.04
N GLY D 177 -19.78 32.21 5.48
CA GLY D 177 -20.18 32.85 4.21
C GLY D 177 -21.16 33.97 4.47
N LYS D 178 -21.01 35.10 3.76
CA LYS D 178 -21.98 36.22 3.79
C LYS D 178 -23.16 35.85 2.88
N GLY D 179 -24.39 36.08 3.35
CA GLY D 179 -25.61 35.86 2.56
C GLY D 179 -25.68 36.84 1.40
N GLU D 180 -25.68 36.33 0.16
CA GLU D 180 -25.90 37.12 -1.08
C GLU D 180 -26.71 36.26 -2.06
N VAL D 181 -27.82 36.80 -2.58
CA VAL D 181 -28.85 36.04 -3.36
C VAL D 181 -28.83 36.50 -4.82
N SER D 182 -27.82 37.27 -5.24
CA SER D 182 -27.51 37.53 -6.66
C SER D 182 -27.05 36.23 -7.31
N GLU D 183 -27.01 36.17 -8.66
CA GLU D 183 -26.53 34.99 -9.42
C GLU D 183 -25.09 34.67 -9.01
N GLU D 184 -24.28 35.71 -8.78
CA GLU D 184 -22.87 35.61 -8.28
C GLU D 184 -22.87 34.96 -6.89
N GLY D 185 -23.73 35.47 -5.99
CA GLY D 185 -23.87 34.99 -4.60
C GLY D 185 -24.26 33.53 -4.53
N HIS D 186 -25.19 33.10 -5.40
CA HIS D 186 -25.68 31.69 -5.50
C HIS D 186 -24.53 30.79 -5.94
N ARG D 187 -23.86 31.14 -7.04
CA ARG D 187 -22.67 30.42 -7.58
C ARG D 187 -21.63 30.27 -6.45
N LYS D 188 -21.32 31.37 -5.77
CA LYS D 188 -20.30 31.47 -4.69
C LYS D 188 -20.72 30.58 -3.51
N PHE D 189 -22.00 30.64 -3.12
CA PHE D 189 -22.60 29.79 -2.04
C PHE D 189 -22.38 28.32 -2.39
N LEU D 190 -22.74 27.91 -3.60
CA LEU D 190 -22.63 26.50 -4.09
C LEU D 190 -21.16 26.04 -4.08
N GLU D 191 -20.23 26.91 -4.48
CA GLU D 191 -18.77 26.59 -4.54
C GLU D 191 -18.23 26.40 -3.12
N ASP D 192 -18.49 27.36 -2.23
CA ASP D 192 -18.16 27.28 -0.77
C ASP D 192 -18.64 25.93 -0.22
N TYR D 194 -19.42 23.23 -1.70
CA TYR D 194 -18.75 22.11 -2.36
C TYR D 194 -17.35 21.92 -1.78
N ALA D 195 -16.71 23.00 -1.32
CA ALA D 195 -15.30 23.02 -0.84
C ALA D 195 -15.25 22.80 0.68
N HIS D 196 -16.30 22.25 1.29
CA HIS D 196 -16.30 21.81 2.72
C HIS D 196 -16.78 20.37 2.83
N LYS D 197 -16.38 19.69 3.91
CA LYS D 197 -16.77 18.28 4.20
C LYS D 197 -18.20 18.28 4.76
N PHE D 198 -18.55 19.31 5.54
CA PHE D 198 -19.89 19.48 6.18
C PHE D 198 -20.43 20.88 5.90
N CYS D 199 -21.75 21.05 6.06
CA CYS D 199 -22.40 22.36 6.28
C CYS D 199 -23.40 22.26 7.45
N PHE D 200 -23.46 23.32 8.25
CA PHE D 200 -24.56 23.59 9.20
C PHE D 200 -25.84 23.74 8.38
N ALA D 201 -26.79 22.82 8.56
CA ALA D 201 -28.07 22.82 7.81
C ALA D 201 -29.24 22.78 8.81
N PRO D 202 -29.33 23.75 9.76
CA PRO D 202 -30.44 23.77 10.71
C PRO D 202 -31.77 24.05 10.00
N ARG D 203 -32.87 23.59 10.58
CA ARG D 203 -34.26 23.88 10.13
C ARG D 203 -34.48 25.39 10.06
N GLY D 204 -35.46 25.81 9.27
CA GLY D 204 -35.90 27.22 9.18
C GLY D 204 -37.32 27.40 9.68
N ASN D 205 -38.06 28.32 9.08
CA ASN D 205 -39.49 28.55 9.40
C ASN D 205 -40.24 27.24 9.13
N GLY D 206 -39.95 26.59 8.01
CA GLY D 206 -40.30 25.18 7.74
C GLY D 206 -39.20 24.26 8.23
N ILE D 207 -39.55 23.04 8.66
CA ILE D 207 -38.57 22.08 9.25
C ILE D 207 -37.55 21.70 8.17
N ASP D 208 -38.03 21.25 7.01
CA ASP D 208 -37.17 20.89 5.85
C ASP D 208 -36.60 22.17 5.24
N THR D 209 -35.36 22.13 4.75
CA THR D 209 -34.67 23.28 4.11
C THR D 209 -34.04 22.84 2.79
N HIS D 210 -33.91 23.78 1.85
CA HIS D 210 -33.23 23.56 0.55
C HIS D 210 -31.77 23.19 0.83
N ARG D 211 -31.17 23.83 1.83
CA ARG D 211 -29.73 23.73 2.17
C ARG D 211 -29.35 22.25 2.39
N LEU D 212 -30.19 21.48 3.08
CA LEU D 212 -29.99 20.03 3.36
C LEU D 212 -29.67 19.32 2.04
N TRP D 213 -30.49 19.57 1.01
CA TRP D 213 -30.47 18.84 -0.28
C TRP D 213 -29.38 19.42 -1.20
N GLU D 214 -29.19 20.74 -1.19
CA GLU D 214 -28.06 21.41 -1.87
C GLU D 214 -26.75 20.72 -1.42
N SER D 215 -26.59 20.54 -0.10
CA SER D 215 -25.45 19.84 0.54
C SER D 215 -25.27 18.45 -0.09
N LEU D 216 -26.32 17.62 -0.06
CA LEU D 216 -26.28 16.20 -0.50
C LEU D 216 -26.01 16.09 -2.00
N TYR D 217 -26.53 17.02 -2.83
CA TYR D 217 -26.28 17.06 -4.30
C TYR D 217 -24.81 17.41 -4.55
N LEU D 218 -24.21 18.24 -3.69
CA LEU D 218 -22.79 18.64 -3.77
C LEU D 218 -21.89 17.64 -3.01
N ARG D 219 -22.45 16.53 -2.52
CA ARG D 219 -21.72 15.44 -1.80
C ARG D 219 -21.04 15.99 -0.55
N THR D 220 -21.58 17.07 0.03
CA THR D 220 -21.19 17.67 1.34
C THR D 220 -22.21 17.20 2.39
N ILE D 221 -21.74 16.84 3.59
CA ILE D 221 -22.60 16.26 4.67
C ILE D 221 -23.31 17.41 5.39
N PRO D 222 -24.66 17.46 5.36
CA PRO D 222 -25.40 18.44 6.15
C PRO D 222 -25.56 17.95 7.60
N ILE D 223 -25.41 18.87 8.56
CA ILE D 223 -25.66 18.63 10.01
C ILE D 223 -27.07 19.16 10.31
N VAL D 224 -27.95 18.29 10.81
CA VAL D 224 -29.41 18.57 10.98
C VAL D 224 -29.83 18.05 12.36
N LYS D 225 -30.61 18.85 13.10
CA LYS D 225 -31.18 18.43 14.40
C LYS D 225 -32.22 17.34 14.12
N LYS D 226 -32.22 16.27 14.90
CA LYS D 226 -33.21 15.16 14.82
C LYS D 226 -34.62 15.75 14.97
N HIS D 227 -35.55 15.29 14.13
CA HIS D 227 -36.98 15.70 14.11
C HIS D 227 -37.78 14.59 13.43
N ILE D 228 -39.05 14.40 13.84
CA ILE D 228 -39.99 13.43 13.21
C ILE D 228 -39.97 13.66 11.69
N ALA D 229 -39.88 14.91 11.25
CA ALA D 229 -39.89 15.31 9.82
C ALA D 229 -38.68 14.73 9.07
N GLU D 231 -37.04 11.73 10.16
CA GLU D 231 -36.77 10.38 10.64
C GLU D 231 -36.70 9.35 9.51
N GLN D 232 -37.36 9.59 8.37
CA GLN D 232 -37.40 8.63 7.24
C GLN D 232 -36.25 8.92 6.27
N PHE D 233 -35.38 9.89 6.58
CA PHE D 233 -34.17 10.23 5.78
C PHE D 233 -32.89 9.71 6.47
N THR D 234 -33.01 8.79 7.43
CA THR D 234 -31.85 8.25 8.19
C THR D 234 -31.01 7.31 7.30
N ASP D 235 -31.54 6.89 6.15
CA ASP D 235 -30.80 6.08 5.14
C ASP D 235 -30.18 6.99 4.08
N LEU D 236 -29.99 8.27 4.41
CA LEU D 236 -29.21 9.25 3.60
C LEU D 236 -28.07 9.80 4.45
N PRO D 237 -26.95 10.23 3.83
CA PRO D 237 -25.75 10.63 4.59
C PRO D 237 -25.87 12.02 5.23
N ILE D 238 -26.84 12.18 6.14
CA ILE D 238 -27.07 13.40 6.97
C ILE D 238 -26.48 13.14 8.36
N LEU D 239 -25.72 14.09 8.91
CA LEU D 239 -25.26 14.00 10.32
C LEU D 239 -26.38 14.56 11.21
N PHE D 240 -27.11 13.67 11.89
CA PHE D 240 -28.25 14.02 12.78
C PHE D 240 -27.72 14.20 14.20
N VAL D 241 -28.06 15.34 14.81
CA VAL D 241 -27.55 15.74 16.16
C VAL D 241 -28.75 15.84 17.11
N ASN D 242 -28.53 15.50 18.39
CA ASN D 242 -29.52 15.65 19.49
C ASN D 242 -29.69 17.13 19.82
N ASP D 243 -28.62 17.90 19.76
CA ASP D 243 -28.56 19.35 20.08
C ASP D 243 -27.39 19.97 19.30
N TRP D 244 -27.13 21.27 19.51
CA TRP D 244 -26.10 22.03 18.75
C TRP D 244 -24.85 22.29 19.60
N GLU D 245 -24.74 21.63 20.75
CA GLU D 245 -23.66 21.89 21.74
C GLU D 245 -22.57 20.82 21.65
N ASN D 246 -21.31 21.26 21.73
CA ASN D 246 -20.09 20.41 21.84
C ASN D 246 -19.79 19.73 20.50
N ILE D 247 -20.09 20.39 19.37
CA ILE D 247 -19.48 20.05 18.06
C ILE D 247 -18.00 20.48 18.16
N THR D 248 -17.09 19.54 17.92
CA THR D 248 -15.61 19.75 17.94
C THR D 248 -15.00 19.28 16.63
N GLU D 249 -13.78 19.72 16.34
CA GLU D 249 -12.98 19.28 15.17
C GLU D 249 -12.94 17.74 15.18
N GLU D 250 -12.64 17.15 16.34
CA GLU D 250 -12.42 15.68 16.51
C GLU D 250 -13.73 14.92 16.27
N TYR D 251 -14.85 15.45 16.77
CA TYR D 251 -16.20 14.87 16.56
C TYR D 251 -16.47 14.78 15.04
N LEU D 252 -16.32 15.90 14.32
CA LEU D 252 -16.67 15.98 12.88
C LEU D 252 -15.72 15.08 12.08
N ASN D 253 -14.41 15.13 12.35
CA ASN D 253 -13.40 14.28 11.66
C ASN D 253 -13.81 12.81 11.72
N GLU D 254 -14.24 12.33 12.89
CA GLU D 254 -14.64 10.92 13.10
C GLU D 254 -15.95 10.64 12.37
N GLN D 255 -16.94 11.53 12.51
CA GLN D 255 -18.25 11.39 11.83
C GLN D 255 -18.04 11.33 10.32
N TYR D 256 -17.14 12.15 9.78
CA TYR D 256 -16.79 12.17 8.33
C TYR D 256 -16.37 10.76 7.89
N ASP D 257 -15.35 10.19 8.55
CA ASP D 257 -14.80 8.84 8.24
C ASP D 257 -15.94 7.81 8.26
N ILE D 258 -16.77 7.82 9.30
CA ILE D 258 -17.87 6.82 9.52
C ILE D 258 -18.90 6.95 8.40
N ILE D 259 -19.28 8.17 8.01
CA ILE D 259 -20.36 8.45 7.01
C ILE D 259 -19.87 8.08 5.61
N ALA D 261 -17.75 5.99 4.65
CA ALA D 261 -17.47 4.58 4.48
C ALA D 261 -18.77 3.76 4.37
N LYS D 262 -19.92 4.31 4.78
CA LYS D 262 -21.20 3.57 4.84
C LYS D 262 -21.87 3.54 3.46
N ASP D 263 -22.83 2.63 3.28
CA ASP D 263 -23.75 2.55 2.12
C ASP D 263 -25.02 3.36 2.44
N TRP D 264 -25.48 4.18 1.49
CA TRP D 264 -26.67 5.07 1.64
C TRP D 264 -27.66 4.81 0.49
N ASN D 265 -28.94 5.08 0.73
CA ASN D 265 -30.04 4.93 -0.26
C ASN D 265 -30.10 6.20 -1.10
N LEU D 266 -29.06 6.45 -1.91
CA LEU D 266 -28.82 7.72 -2.65
C LEU D 266 -29.84 7.92 -3.78
N ASP D 267 -30.55 6.85 -4.20
CA ASP D 267 -31.60 6.92 -5.26
C ASP D 267 -32.76 7.80 -4.78
N LYS D 268 -32.90 7.96 -3.45
CA LYS D 268 -33.87 8.88 -2.80
C LYS D 268 -33.61 10.34 -3.18
N LEU D 269 -32.39 10.69 -3.61
CA LEU D 269 -32.03 12.06 -4.05
C LEU D 269 -32.54 12.34 -5.46
N LYS D 270 -33.05 11.32 -6.16
CA LYS D 270 -33.45 11.41 -7.58
C LYS D 270 -34.98 11.32 -7.67
N ILE D 271 -35.59 12.24 -8.41
CA ILE D 271 -37.07 12.44 -8.53
C ILE D 271 -37.72 11.14 -9.01
N ASP D 272 -36.99 10.32 -9.77
CA ASP D 272 -37.45 9.05 -10.39
C ASP D 272 -37.98 8.11 -9.29
N TYR D 273 -37.28 8.02 -8.16
CA TYR D 273 -37.66 7.21 -6.97
C TYR D 273 -39.08 7.60 -6.51
N TRP D 274 -39.37 8.91 -6.48
CA TRP D 274 -40.62 9.46 -5.90
C TRP D 274 -41.77 9.34 -6.90
N TYR D 275 -41.52 9.52 -8.19
CA TYR D 275 -42.49 9.16 -9.27
C TYR D 275 -42.96 7.72 -9.04
N GLN D 276 -42.01 6.79 -8.86
CA GLN D 276 -42.25 5.34 -8.71
C GLN D 276 -43.09 5.09 -7.45
N LYS D 277 -42.71 5.69 -6.33
CA LYS D 277 -43.35 5.49 -5.00
C LYS D 277 -44.81 5.97 -5.07
N ILE D 278 -45.08 7.07 -5.78
CA ILE D 278 -46.45 7.63 -5.94
C ILE D 278 -47.29 6.67 -6.80
N LEU D 279 -46.68 6.03 -7.81
CA LEU D 279 -47.36 5.04 -8.69
C LEU D 279 -47.74 3.80 -7.87
N GLU D 280 -46.80 3.28 -7.07
CA GLU D 280 -46.99 2.08 -6.20
C GLU D 280 -48.31 2.21 -5.43
N TYR D 281 -48.55 3.38 -4.82
CA TYR D 281 -49.70 3.63 -3.92
C TYR D 281 -50.92 4.12 -4.73
N SER D 282 -50.74 4.37 -6.03
CA SER D 282 -51.83 4.71 -7.00
C SER D 282 -51.75 3.76 -8.21
#